data_4R33
#
_entry.id   4R33
#
_cell.length_a   94.720
_cell.length_b   47.230
_cell.length_c   114.360
_cell.angle_alpha   90.00
_cell.angle_beta   108.71
_cell.angle_gamma   90.00
#
_symmetry.space_group_name_H-M   'P 1 2 1'
#
loop_
_entity.id
_entity.type
_entity.pdbx_description
1 polymer NosL
2 non-polymer S-ADENOSYL-L-HOMOCYSTEINE
3 non-polymer 'IRON/SULFUR CLUSTER'
4 non-polymer TRYPTOPHAN
5 non-polymer GLYCEROL
6 non-polymer 'POTASSIUM ION'
7 non-polymer 'SODIUM ION'
8 non-polymer 'CHLORIDE ION'
9 water water
#
_entity_poly.entity_id   1
_entity_poly.type   'polypeptide(L)'
_entity_poly.pdbx_seq_one_letter_code
;MGSSHHHHHHSSGLVPRGSHMTQNSQAMTSHAMTGDFVLPELEDVRAEAATVDTRAVLALAEGEEPAESRAAVALALWED
RSIGTAELQAAAEARCGARRPRLHTFVPLYTTNYCDSECKMCSMRKGNHRLDRKFSGRKEITEQLEILYHHEGVRGVGFL
TGEYEDKHTRLASAFRIGWAIRTALDLGFERVYFNIGSMEQDEIDVLGEWIGREDPVTMCVFQESYDRETYRRFMGKTSV
GVPKADFDRRVVSFDRWLDAGYRYVNPGVLVGLHDDLSAELVSLVAHGDHLRSRGATADLSVPRMRPAMKSRDTTRVGDD
DYLRLMSVVAFTCPEQRLVLTTREPQEFQDVALGLAGVISPGSPDVAPYRAGCEARNDEKSSQFLVADLRRPRHILGRIE
ASGTPVDHFVNPAGEASRAV
;
_entity_poly.pdbx_strand_id   A,B
#
loop_
_chem_comp.id
_chem_comp.type
_chem_comp.name
_chem_comp.formula
CL non-polymer 'CHLORIDE ION' 'Cl -1'
GOL non-polymer GLYCEROL 'C3 H8 O3'
K non-polymer 'POTASSIUM ION' 'K 1'
NA non-polymer 'SODIUM ION' 'Na 1'
SF4 non-polymer 'IRON/SULFUR CLUSTER' 'Fe4 S4'
#
# COMPACT_ATOMS: atom_id res chain seq x y z
N GLY A 35 -16.81 -43.10 13.20
CA GLY A 35 -16.77 -42.39 11.93
C GLY A 35 -16.21 -40.98 12.05
N ASP A 36 -16.25 -40.44 13.26
CA ASP A 36 -15.75 -39.09 13.53
C ASP A 36 -14.25 -39.11 13.78
N PHE A 37 -13.60 -37.97 13.64
CA PHE A 37 -12.16 -37.88 13.89
C PHE A 37 -11.83 -38.29 15.32
N VAL A 38 -10.76 -39.08 15.47
CA VAL A 38 -10.26 -39.43 16.80
C VAL A 38 -8.79 -39.03 16.90
N LEU A 39 -8.42 -38.29 17.94
CA LEU A 39 -7.04 -37.84 18.11
C LEU A 39 -6.08 -39.01 18.14
N PRO A 40 -4.95 -38.89 17.42
CA PRO A 40 -3.97 -39.97 17.41
C PRO A 40 -3.36 -40.14 18.79
N GLU A 41 -2.89 -41.34 19.11
CA GLU A 41 -2.13 -41.55 20.33
C GLU A 41 -0.67 -41.20 20.06
N LEU A 42 -0.21 -40.08 20.63
CA LEU A 42 1.09 -39.51 20.33
C LEU A 42 2.26 -40.48 20.56
N GLU A 43 2.14 -41.34 21.57
CA GLU A 43 3.18 -42.31 21.82
C GLU A 43 3.16 -43.43 20.78
N ASP A 44 1.99 -43.75 20.24
CA ASP A 44 1.89 -44.71 19.14
C ASP A 44 2.55 -44.18 17.86
N VAL A 45 2.32 -42.91 17.56
CA VAL A 45 2.93 -42.28 16.39
C VAL A 45 4.45 -42.19 16.55
N ARG A 46 4.91 -41.91 17.77
CA ARG A 46 6.34 -41.84 18.06
CA ARG A 46 6.34 -41.85 18.06
C ARG A 46 7.02 -43.17 17.74
N ALA A 47 6.39 -44.28 18.12
CA ALA A 47 6.95 -45.60 17.86
C ALA A 47 6.99 -45.89 16.37
N GLU A 48 5.96 -45.46 15.63
CA GLU A 48 5.98 -45.67 14.18
C GLU A 48 7.02 -44.76 13.50
N ALA A 49 7.17 -43.53 13.99
CA ALA A 49 8.16 -42.61 13.45
C ALA A 49 9.58 -43.17 13.56
N ALA A 50 9.83 -43.93 14.61
CA ALA A 50 11.15 -44.52 14.83
C ALA A 50 11.51 -45.53 13.74
N THR A 51 10.53 -45.97 12.97
CA THR A 51 10.77 -46.97 11.93
C THR A 51 10.86 -46.41 10.51
N VAL A 52 10.56 -45.13 10.30
CA VAL A 52 10.61 -44.61 8.93
C VAL A 52 12.05 -44.25 8.55
N ASP A 53 12.39 -44.54 7.31
CA ASP A 53 13.67 -44.16 6.75
C ASP A 53 13.49 -42.80 6.08
N THR A 54 13.93 -41.74 6.78
CA THR A 54 13.69 -40.37 6.32
C THR A 54 14.44 -40.07 5.03
N ARG A 55 15.60 -40.68 4.83
CA ARG A 55 16.32 -40.46 3.58
C ARG A 55 15.56 -41.10 2.41
N ALA A 56 15.02 -42.30 2.64
CA ALA A 56 14.24 -42.98 1.60
C ALA A 56 13.00 -42.17 1.27
N VAL A 57 12.39 -41.58 2.30
CA VAL A 57 11.23 -40.73 2.14
C VAL A 57 11.51 -39.57 1.19
N LEU A 58 12.61 -38.86 1.44
CA LEU A 58 13.00 -37.76 0.57
C LEU A 58 13.26 -38.23 -0.86
N ALA A 59 13.67 -39.49 -1.01
CA ALA A 59 14.00 -40.02 -2.34
C ALA A 59 12.75 -40.42 -3.14
N LEU A 60 11.60 -40.43 -2.49
CA LEU A 60 10.35 -40.78 -3.16
C LEU A 60 10.05 -39.84 -4.31
N ALA A 61 9.55 -40.40 -5.41
CA ALA A 61 9.12 -39.59 -6.54
C ALA A 61 7.84 -38.86 -6.15
N GLU A 62 7.57 -37.73 -6.79
CA GLU A 62 6.35 -36.99 -6.48
C GLU A 62 5.14 -37.86 -6.81
N GLY A 63 4.12 -37.80 -5.95
CA GLY A 63 2.96 -38.65 -6.11
C GLY A 63 3.10 -40.02 -5.48
N GLU A 64 4.34 -40.44 -5.22
CA GLU A 64 4.60 -41.69 -4.52
C GLU A 64 4.43 -41.53 -3.02
N GLU A 65 3.93 -42.57 -2.36
CA GLU A 65 3.51 -42.46 -0.96
C GLU A 65 4.30 -43.38 -0.03
N PRO A 66 4.78 -42.85 1.11
CA PRO A 66 5.52 -43.65 2.09
C PRO A 66 4.70 -44.84 2.59
N ALA A 67 5.39 -45.89 3.03
CA ALA A 67 4.72 -47.06 3.57
C ALA A 67 4.03 -46.72 4.91
N GLU A 68 4.70 -45.91 5.72
CA GLU A 68 4.20 -45.52 7.03
C GLU A 68 3.13 -44.43 6.93
N SER A 69 2.46 -44.13 8.05
CA SER A 69 1.39 -43.13 8.03
C SER A 69 1.98 -41.74 7.90
N ARG A 70 1.15 -40.80 7.44
CA ARG A 70 1.60 -39.43 7.24
C ARG A 70 2.04 -38.79 8.55
N ALA A 71 1.28 -39.00 9.62
CA ALA A 71 1.63 -38.42 10.89
C ALA A 71 2.98 -38.93 11.39
N ALA A 72 3.25 -40.23 11.17
CA ALA A 72 4.53 -40.80 11.57
C ALA A 72 5.68 -40.26 10.71
N VAL A 73 5.44 -40.12 9.41
CA VAL A 73 6.48 -39.62 8.52
C VAL A 73 6.78 -38.15 8.84
N ALA A 74 5.75 -37.37 9.12
CA ALA A 74 5.93 -35.96 9.44
C ALA A 74 6.76 -35.79 10.71
N LEU A 75 6.44 -36.59 11.72
CA LEU A 75 7.15 -36.54 12.98
C LEU A 75 8.64 -36.89 12.79
N ALA A 76 8.90 -37.92 12.01
CA ALA A 76 10.28 -38.37 11.78
C ALA A 76 11.10 -37.32 11.04
N LEU A 77 10.50 -36.70 10.01
CA LEU A 77 11.17 -35.62 9.28
C LEU A 77 11.47 -34.45 10.22
N TRP A 78 10.49 -34.09 11.04
CA TRP A 78 10.64 -33.04 12.03
C TRP A 78 11.82 -33.30 12.97
N GLU A 79 11.93 -34.53 13.49
CA GLU A 79 12.93 -34.81 14.50
C GLU A 79 14.32 -35.18 13.96
N ASP A 80 14.43 -35.44 12.67
CA ASP A 80 15.73 -35.81 12.11
C ASP A 80 16.49 -34.55 11.73
N ARG A 81 17.29 -34.06 12.68
CA ARG A 81 18.01 -32.80 12.48
C ARG A 81 19.19 -32.92 11.53
N SER A 82 19.53 -34.14 11.10
CA SER A 82 20.54 -34.29 10.05
C SER A 82 19.98 -33.79 8.72
N ILE A 83 18.65 -33.67 8.64
CA ILE A 83 18.03 -33.02 7.50
C ILE A 83 17.78 -31.54 7.83
N GLY A 84 18.52 -30.65 7.16
CA GLY A 84 18.39 -29.23 7.42
C GLY A 84 17.02 -28.67 7.05
N THR A 85 16.58 -27.64 7.76
CA THR A 85 15.28 -27.04 7.44
C THR A 85 15.22 -26.52 6.00
N ALA A 86 16.28 -25.86 5.53
CA ALA A 86 16.31 -25.36 4.16
C ALA A 86 16.13 -26.52 3.17
N GLU A 87 16.80 -27.63 3.44
CA GLU A 87 16.69 -28.81 2.60
C GLU A 87 15.28 -29.42 2.66
N LEU A 88 14.65 -29.40 3.82
CA LEU A 88 13.26 -29.87 3.94
C LEU A 88 12.33 -28.98 3.15
N GLN A 89 12.58 -27.67 3.22
CA GLN A 89 11.74 -26.73 2.49
C GLN A 89 11.86 -26.94 0.97
N ALA A 90 13.08 -27.14 0.47
CA ALA A 90 13.25 -27.38 -0.95
C ALA A 90 12.54 -28.66 -1.39
N ALA A 91 12.65 -29.71 -0.58
CA ALA A 91 11.99 -30.98 -0.89
C ALA A 91 10.45 -30.85 -0.89
N ALA A 92 9.91 -30.09 0.07
CA ALA A 92 8.46 -29.87 0.14
C ALA A 92 7.97 -29.13 -1.11
N GLU A 93 8.68 -28.07 -1.48
CA GLU A 93 8.28 -27.28 -2.64
C GLU A 93 8.30 -28.14 -3.90
N ALA A 94 9.34 -28.93 -4.07
CA ALA A 94 9.40 -29.83 -5.21
C ALA A 94 8.27 -30.87 -5.18
N ARG A 95 7.99 -31.44 -4.02
CA ARG A 95 6.94 -32.47 -3.90
C ARG A 95 5.56 -31.92 -4.26
N CYS A 96 5.38 -30.62 -4.03
CA CYS A 96 4.12 -29.93 -4.34
C CYS A 96 4.14 -29.19 -5.67
N GLY A 97 5.24 -29.36 -6.40
CA GLY A 97 5.48 -28.55 -7.60
C GLY A 97 4.50 -28.78 -8.72
N ALA A 98 3.97 -30.00 -8.79
CA ALA A 98 3.10 -30.38 -9.89
C ALA A 98 1.67 -29.88 -9.70
N ARG A 99 1.35 -29.48 -8.47
CA ARG A 99 0.00 -29.06 -8.11
C ARG A 99 -0.48 -27.87 -8.93
N ARG A 100 -1.69 -27.95 -9.50
CA ARG A 100 -2.27 -26.87 -10.29
C ARG A 100 -3.68 -26.53 -9.81
N PRO A 101 -4.00 -25.23 -9.67
CA PRO A 101 -3.10 -24.09 -9.84
C PRO A 101 -2.07 -24.01 -8.74
N ARG A 102 -0.93 -23.38 -9.00
CA ARG A 102 0.09 -23.23 -7.96
C ARG A 102 -0.45 -22.49 -6.73
N LEU A 103 -1.22 -21.43 -6.97
CA LEU A 103 -1.79 -20.60 -5.90
C LEU A 103 -3.20 -20.16 -6.23
N HIS A 104 -4.06 -20.07 -5.21
CA HIS A 104 -5.26 -19.25 -5.37
C HIS A 104 -5.41 -18.35 -4.15
N THR A 105 -6.35 -17.42 -4.20
CA THR A 105 -6.45 -16.42 -3.15
C THR A 105 -7.85 -16.24 -2.61
N PHE A 106 -7.94 -15.79 -1.37
CA PHE A 106 -9.17 -15.23 -0.82
C PHE A 106 -8.79 -14.13 0.15
N VAL A 107 -9.70 -13.17 0.31
CA VAL A 107 -9.49 -12.03 1.20
C VAL A 107 -10.53 -12.12 2.29
N PRO A 108 -10.11 -11.96 3.56
CA PRO A 108 -11.06 -12.05 4.67
C PRO A 108 -11.98 -10.84 4.80
N LEU A 109 -13.23 -11.09 5.16
CA LEU A 109 -14.12 -10.01 5.50
C LEU A 109 -14.75 -10.34 6.84
N TYR A 110 -14.27 -9.67 7.90
CA TYR A 110 -14.88 -9.82 9.23
C TYR A 110 -16.20 -9.04 9.23
N THR A 111 -17.30 -9.76 9.49
CA THR A 111 -18.66 -9.19 9.33
C THR A 111 -19.16 -8.58 10.63
N THR A 112 -18.41 -8.81 11.70
CA THR A 112 -18.69 -8.29 13.04
C THR A 112 -17.50 -8.62 13.91
N ASN A 113 -17.37 -7.96 15.05
CA ASN A 113 -16.35 -8.37 15.99
C ASN A 113 -16.95 -8.63 17.38
N TYR A 114 -18.28 -8.83 17.43
CA TYR A 114 -18.93 -9.35 18.63
C TYR A 114 -18.54 -10.82 18.81
N CYS A 115 -18.38 -11.24 20.06
CA CYS A 115 -18.13 -12.64 20.35
C CYS A 115 -18.57 -12.95 21.78
N ASP A 116 -19.12 -14.14 22.01
CA ASP A 116 -19.49 -14.57 23.35
C ASP A 116 -18.41 -15.39 24.06
N SER A 117 -17.34 -15.76 23.35
CA SER A 117 -16.31 -16.60 23.97
C SER A 117 -15.17 -15.77 24.56
N GLU A 118 -14.13 -16.45 25.06
CA GLU A 118 -13.13 -15.80 25.90
C GLU A 118 -11.70 -16.25 25.63
N CYS A 119 -11.34 -16.42 24.37
CA CYS A 119 -10.00 -16.89 24.06
C CYS A 119 -8.98 -15.86 24.50
N LYS A 120 -8.06 -16.31 25.36
CA LYS A 120 -7.16 -15.41 26.04
C LYS A 120 -6.14 -14.76 25.10
N MET A 121 -5.96 -15.30 23.90
CA MET A 121 -5.00 -14.71 22.95
C MET A 121 -5.66 -13.80 21.91
N CYS A 122 -6.97 -13.55 22.04
CA CYS A 122 -7.73 -12.83 21.01
C CYS A 122 -8.40 -11.55 21.51
N SER A 123 -8.32 -10.46 20.75
CA SER A 123 -8.92 -9.19 21.16
CA SER A 123 -8.92 -9.20 21.16
C SER A 123 -10.44 -9.20 21.14
N MET A 124 -11.03 -10.13 20.42
CA MET A 124 -12.50 -10.18 20.33
C MET A 124 -13.16 -10.88 21.53
N ARG A 125 -12.36 -11.46 22.43
CA ARG A 125 -12.91 -12.11 23.63
C ARG A 125 -13.92 -11.20 24.34
N LYS A 126 -15.03 -11.79 24.79
CA LYS A 126 -16.16 -11.02 25.32
C LYS A 126 -15.73 -10.12 26.48
N GLY A 127 -14.86 -10.63 27.33
CA GLY A 127 -14.37 -9.86 28.46
C GLY A 127 -13.49 -8.68 28.12
N ASN A 128 -13.12 -8.53 26.85
CA ASN A 128 -12.36 -7.35 26.46
C ASN A 128 -13.28 -6.13 26.29
N HIS A 129 -13.48 -5.40 27.37
CA HIS A 129 -14.38 -4.27 27.37
C HIS A 129 -13.83 -3.06 26.63
N ARG A 130 -12.54 -3.09 26.29
CA ARG A 130 -11.91 -2.00 25.54
C ARG A 130 -12.26 -1.97 24.04
N LEU A 131 -12.70 -3.10 23.48
CA LEU A 131 -12.94 -3.16 22.04
C LEU A 131 -14.19 -2.36 21.64
N ASP A 132 -14.10 -1.66 20.52
CA ASP A 132 -15.29 -1.02 19.94
C ASP A 132 -16.00 -2.04 19.05
N ARG A 133 -17.19 -2.46 19.49
CA ARG A 133 -17.87 -3.54 18.80
C ARG A 133 -18.66 -3.01 17.58
N LYS A 134 -18.54 -3.73 16.46
CA LYS A 134 -19.15 -3.29 15.21
C LYS A 134 -19.90 -4.45 14.58
N PHE A 135 -20.85 -4.13 13.71
CA PHE A 135 -21.70 -5.11 13.04
C PHE A 135 -22.04 -4.61 11.63
N SER A 136 -21.74 -5.41 10.61
CA SER A 136 -22.08 -5.05 9.23
C SER A 136 -23.46 -5.57 8.81
N GLY A 137 -24.31 -4.66 8.37
CA GLY A 137 -25.60 -5.04 7.80
C GLY A 137 -25.52 -5.31 6.31
N ARG A 138 -26.68 -5.48 5.69
CA ARG A 138 -26.80 -5.76 4.26
C ARG A 138 -25.99 -4.80 3.39
N LYS A 139 -26.16 -3.50 3.63
CA LYS A 139 -25.53 -2.48 2.81
C LYS A 139 -24.01 -2.53 2.90
N GLU A 140 -23.50 -2.59 4.13
CA GLU A 140 -22.06 -2.62 4.33
C GLU A 140 -21.41 -3.89 3.79
N ILE A 141 -22.02 -5.05 4.00
CA ILE A 141 -21.42 -6.28 3.48
C ILE A 141 -21.36 -6.25 1.94
N THR A 142 -22.46 -5.81 1.32
CA THR A 142 -22.48 -5.71 -0.13
C THR A 142 -21.43 -4.75 -0.65
N GLU A 143 -21.31 -3.59 0.00
CA GLU A 143 -20.32 -2.59 -0.40
C GLU A 143 -18.89 -3.11 -0.35
N GLN A 144 -18.57 -3.82 0.73
CA GLN A 144 -17.24 -4.40 0.91
C GLN A 144 -16.93 -5.45 -0.16
N LEU A 145 -17.91 -6.30 -0.48
CA LEU A 145 -17.73 -7.30 -1.53
C LEU A 145 -17.49 -6.62 -2.87
N GLU A 146 -18.20 -5.54 -3.14
CA GLU A 146 -18.02 -4.81 -4.40
C GLU A 146 -16.65 -4.13 -4.47
N ILE A 147 -16.15 -3.61 -3.34
CA ILE A 147 -14.80 -3.06 -3.34
C ILE A 147 -13.76 -4.15 -3.62
N LEU A 148 -13.90 -5.29 -2.95
CA LEU A 148 -12.95 -6.39 -3.15
C LEU A 148 -12.99 -6.88 -4.59
N TYR A 149 -14.19 -6.97 -5.15
CA TYR A 149 -14.36 -7.51 -6.49
C TYR A 149 -13.82 -6.56 -7.56
N HIS A 150 -14.23 -5.28 -7.51
CA HIS A 150 -13.90 -4.38 -8.61
C HIS A 150 -12.57 -3.61 -8.41
N HIS A 151 -12.25 -3.22 -7.19
CA HIS A 151 -11.03 -2.45 -6.94
C HIS A 151 -9.83 -3.33 -6.59
N GLU A 152 -10.03 -4.43 -5.88
CA GLU A 152 -8.90 -5.30 -5.58
C GLU A 152 -8.78 -6.42 -6.60
N GLY A 153 -9.83 -6.64 -7.38
CA GLY A 153 -9.82 -7.69 -8.41
C GLY A 153 -9.83 -9.11 -7.88
N VAL A 154 -10.35 -9.33 -6.67
CA VAL A 154 -10.33 -10.72 -6.15
C VAL A 154 -11.66 -11.45 -6.36
N ARG A 155 -11.56 -12.78 -6.45
CA ARG A 155 -12.72 -13.64 -6.70
C ARG A 155 -12.84 -14.70 -5.61
N GLY A 156 -12.09 -14.51 -4.53
CA GLY A 156 -12.18 -15.35 -3.34
C GLY A 156 -12.40 -14.46 -2.12
N VAL A 157 -13.35 -14.85 -1.27
CA VAL A 157 -13.61 -14.06 -0.08
C VAL A 157 -13.86 -15.01 1.10
N GLY A 158 -13.52 -14.59 2.31
CA GLY A 158 -13.86 -15.34 3.50
C GLY A 158 -14.72 -14.50 4.43
N PHE A 159 -15.73 -15.11 5.04
CA PHE A 159 -16.59 -14.40 5.99
C PHE A 159 -16.31 -14.88 7.41
N LEU A 160 -16.12 -13.94 8.32
CA LEU A 160 -15.79 -14.29 9.70
C LEU A 160 -16.72 -13.62 10.72
N THR A 161 -16.90 -14.28 11.87
CA THR A 161 -17.65 -13.75 13.01
C THR A 161 -16.99 -14.21 14.30
N GLY A 162 -17.58 -13.83 15.42
CA GLY A 162 -17.25 -14.42 16.71
C GLY A 162 -17.98 -15.75 16.82
N GLU A 163 -17.88 -16.45 17.96
CA GLU A 163 -18.72 -17.61 18.23
C GLU A 163 -19.66 -17.27 19.40
N TYR A 164 -20.92 -17.68 19.28
CA TYR A 164 -21.96 -17.24 20.20
C TYR A 164 -22.49 -18.39 21.06
N GLU A 165 -23.09 -18.04 22.20
CA GLU A 165 -23.42 -19.06 23.17
C GLU A 165 -24.82 -19.69 23.00
N ASP A 166 -25.85 -18.87 22.96
CA ASP A 166 -27.20 -19.42 22.99
C ASP A 166 -27.65 -19.85 21.59
N LYS A 167 -28.48 -20.87 21.54
CA LYS A 167 -28.86 -21.51 20.28
C LYS A 167 -29.46 -20.50 19.27
N HIS A 168 -30.35 -19.61 19.71
CA HIS A 168 -30.96 -18.63 18.78
C HIS A 168 -29.91 -17.73 18.12
N THR A 169 -28.98 -17.21 18.90
CA THR A 169 -27.92 -16.37 18.33
C THR A 169 -27.06 -17.12 17.31
N ARG A 170 -26.71 -18.37 17.61
CA ARG A 170 -25.92 -19.19 16.69
C ARG A 170 -26.66 -19.44 15.38
N LEU A 171 -27.96 -19.73 15.49
CA LEU A 171 -28.80 -19.90 14.30
C LEU A 171 -28.95 -18.61 13.48
N ALA A 172 -29.17 -17.49 14.16
CA ALA A 172 -29.28 -16.19 13.48
C ALA A 172 -27.96 -15.80 12.80
N SER A 173 -26.83 -16.17 13.43
CA SER A 173 -25.51 -15.91 12.82
C SER A 173 -25.32 -16.78 11.57
N ALA A 174 -25.66 -18.06 11.67
CA ALA A 174 -25.60 -18.95 10.52
C ALA A 174 -26.47 -18.45 9.37
N PHE A 175 -27.65 -17.96 9.72
CA PHE A 175 -28.54 -17.39 8.72
C PHE A 175 -27.90 -16.24 7.95
N ARG A 176 -27.33 -15.28 8.69
CA ARG A 176 -26.71 -14.09 8.10
C ARG A 176 -25.52 -14.46 7.22
N ILE A 177 -24.68 -15.36 7.72
CA ILE A 177 -23.47 -15.74 6.98
C ILE A 177 -23.83 -16.55 5.71
N GLY A 178 -24.85 -17.40 5.83
CA GLY A 178 -25.42 -18.09 4.67
C GLY A 178 -25.87 -17.10 3.61
N TRP A 179 -26.61 -16.07 4.01
CA TRP A 179 -26.98 -15.00 3.07
C TRP A 179 -25.73 -14.36 2.44
N ALA A 180 -24.71 -14.09 3.23
CA ALA A 180 -23.49 -13.46 2.71
C ALA A 180 -22.80 -14.35 1.68
N ILE A 181 -22.74 -15.65 1.95
CA ILE A 181 -22.10 -16.59 1.03
C ILE A 181 -22.83 -16.62 -0.32
N ARG A 182 -24.15 -16.73 -0.26
CA ARG A 182 -24.98 -16.75 -1.45
C ARG A 182 -24.83 -15.46 -2.24
N THR A 183 -24.79 -14.35 -1.53
CA THR A 183 -24.66 -13.03 -2.15
C THR A 183 -23.32 -12.90 -2.87
N ALA A 184 -22.26 -13.42 -2.25
CA ALA A 184 -20.93 -13.36 -2.85
C ALA A 184 -20.88 -14.22 -4.10
N LEU A 185 -21.42 -15.43 -4.01
CA LEU A 185 -21.44 -16.33 -5.16
C LEU A 185 -22.20 -15.68 -6.31
N ASP A 186 -23.35 -15.08 -6.02
CA ASP A 186 -24.14 -14.45 -7.07
C ASP A 186 -23.41 -13.26 -7.73
N LEU A 187 -22.55 -12.59 -6.97
CA LEU A 187 -21.75 -11.45 -7.50
C LEU A 187 -20.62 -11.92 -8.42
N GLY A 188 -20.29 -13.20 -8.34
CA GLY A 188 -19.26 -13.76 -9.21
C GLY A 188 -18.02 -14.18 -8.46
N PHE A 189 -18.08 -14.22 -7.12
CA PHE A 189 -16.97 -14.81 -6.37
C PHE A 189 -16.96 -16.31 -6.69
N GLU A 190 -15.76 -16.85 -6.92
CA GLU A 190 -15.57 -18.23 -7.38
C GLU A 190 -15.17 -19.17 -6.25
N ARG A 191 -14.92 -18.60 -5.07
CA ARG A 191 -14.49 -19.38 -3.92
C ARG A 191 -14.84 -18.61 -2.65
N VAL A 192 -15.56 -19.24 -1.73
CA VAL A 192 -15.96 -18.57 -0.49
C VAL A 192 -15.57 -19.39 0.73
N TYR A 193 -14.82 -18.79 1.65
CA TYR A 193 -14.53 -19.43 2.93
C TYR A 193 -15.47 -18.88 4.00
N PHE A 194 -15.76 -19.66 5.03
CA PHE A 194 -16.35 -19.06 6.23
C PHE A 194 -15.70 -19.60 7.49
N ASN A 195 -15.69 -18.76 8.53
CA ASN A 195 -14.99 -19.07 9.79
C ASN A 195 -15.84 -18.44 10.89
N ILE A 196 -16.80 -19.20 11.42
CA ILE A 196 -17.81 -18.61 12.30
C ILE A 196 -18.00 -19.42 13.58
N GLY A 197 -16.99 -20.22 13.92
CA GLY A 197 -17.03 -21.03 15.13
C GLY A 197 -17.43 -22.47 14.87
N SER A 198 -17.56 -23.26 15.93
CA SER A 198 -18.02 -24.63 15.81
C SER A 198 -19.45 -24.62 15.29
N MET A 199 -19.87 -25.72 14.69
CA MET A 199 -21.22 -25.79 14.13
C MET A 199 -21.85 -27.13 14.41
N GLU A 200 -23.08 -27.09 14.91
CA GLU A 200 -23.87 -28.29 15.13
C GLU A 200 -24.75 -28.56 13.90
N GLN A 201 -25.38 -29.72 13.86
CA GLN A 201 -26.12 -30.15 12.68
C GLN A 201 -27.20 -29.15 12.27
N ASP A 202 -27.92 -28.58 13.23
CA ASP A 202 -29.04 -27.70 12.86
C ASP A 202 -28.58 -26.31 12.42
N GLU A 203 -27.41 -25.89 12.89
CA GLU A 203 -26.81 -24.64 12.45
C GLU A 203 -26.31 -24.78 11.01
N ILE A 204 -25.72 -25.92 10.69
CA ILE A 204 -25.32 -26.22 9.32
C ILE A 204 -26.54 -26.26 8.40
N ASP A 205 -27.65 -26.78 8.90
CA ASP A 205 -28.90 -26.81 8.13
C ASP A 205 -29.29 -25.41 7.69
N VAL A 206 -29.25 -24.47 8.64
CA VAL A 206 -29.65 -23.08 8.37
C VAL A 206 -28.71 -22.43 7.36
N LEU A 207 -27.40 -22.60 7.54
CA LEU A 207 -26.44 -22.06 6.59
C LEU A 207 -26.60 -22.73 5.22
N GLY A 208 -26.79 -24.04 5.22
CA GLY A 208 -26.83 -24.80 3.99
C GLY A 208 -28.00 -24.50 3.06
N GLU A 209 -29.07 -23.91 3.58
CA GLU A 209 -30.22 -23.56 2.75
C GLU A 209 -29.91 -22.43 1.77
N TRP A 210 -28.74 -21.80 1.96
CA TRP A 210 -28.27 -20.73 1.10
C TRP A 210 -27.41 -21.21 -0.07
N ILE A 211 -26.96 -22.47 -0.01
CA ILE A 211 -26.01 -22.96 -1.01
C ILE A 211 -26.36 -24.35 -1.53
N GLY A 212 -25.59 -24.82 -2.51
CA GLY A 212 -25.75 -26.17 -3.03
C GLY A 212 -24.59 -27.02 -2.53
N ARG A 213 -24.77 -28.33 -2.51
CA ARG A 213 -23.77 -29.23 -1.97
C ARG A 213 -22.47 -29.19 -2.77
N GLU A 214 -22.56 -28.75 -4.02
CA GLU A 214 -21.40 -28.66 -4.91
C GLU A 214 -20.81 -27.25 -5.05
N ASP A 215 -21.36 -26.28 -4.32
CA ASP A 215 -20.83 -24.92 -4.38
C ASP A 215 -19.40 -24.83 -3.80
N PRO A 216 -18.58 -23.89 -4.31
CA PRO A 216 -17.19 -23.78 -3.85
C PRO A 216 -17.09 -23.04 -2.49
N VAL A 217 -17.51 -23.73 -1.43
CA VAL A 217 -17.62 -23.16 -0.09
C VAL A 217 -16.84 -24.01 0.90
N THR A 218 -15.91 -23.37 1.61
CA THR A 218 -15.01 -24.07 2.53
C THR A 218 -15.27 -23.70 3.99
N MET A 219 -15.49 -24.71 4.85
CA MET A 219 -15.66 -24.47 6.27
C MET A 219 -14.30 -24.42 6.97
N CYS A 220 -14.03 -23.33 7.70
CA CYS A 220 -12.82 -23.17 8.50
C CYS A 220 -13.14 -23.26 9.98
N VAL A 221 -12.44 -24.14 10.69
CA VAL A 221 -12.57 -24.30 12.14
C VAL A 221 -11.21 -24.72 12.68
N PHE A 222 -10.39 -23.74 13.04
CA PHE A 222 -9.02 -24.03 13.51
C PHE A 222 -9.09 -24.58 14.93
N GLN A 223 -8.56 -25.78 15.16
CA GLN A 223 -8.67 -26.33 16.52
C GLN A 223 -7.83 -25.53 17.52
N GLU A 224 -6.92 -24.71 16.97
CA GLU A 224 -5.96 -23.89 17.73
C GLU A 224 -4.87 -24.74 18.39
N SER A 225 -5.26 -25.62 19.30
CA SER A 225 -4.34 -26.63 19.81
C SER A 225 -5.06 -27.95 19.94
N TYR A 226 -4.40 -29.03 19.55
CA TYR A 226 -5.01 -30.35 19.67
C TYR A 226 -4.69 -30.99 21.03
N ASP A 227 -3.94 -30.27 21.85
CA ASP A 227 -3.64 -30.71 23.20
C ASP A 227 -4.75 -30.19 24.09
N ARG A 228 -5.48 -31.09 24.75
CA ARG A 228 -6.66 -30.68 25.51
C ARG A 228 -6.31 -29.74 26.65
N GLU A 229 -5.13 -29.92 27.24
CA GLU A 229 -4.74 -29.09 28.38
C GLU A 229 -4.37 -27.67 27.96
N THR A 230 -3.58 -27.51 26.90
CA THR A 230 -3.29 -26.17 26.37
C THR A 230 -4.57 -25.51 25.85
N TYR A 231 -5.41 -26.29 25.19
CA TYR A 231 -6.70 -25.81 24.70
C TYR A 231 -7.51 -25.16 25.84
N ARG A 232 -7.68 -25.88 26.94
CA ARG A 232 -8.43 -25.37 28.08
C ARG A 232 -7.78 -24.11 28.66
N ARG A 233 -6.45 -24.06 28.68
CA ARG A 233 -5.75 -22.88 29.20
C ARG A 233 -6.09 -21.60 28.43
N PHE A 234 -6.23 -21.69 27.11
CA PHE A 234 -6.51 -20.48 26.33
C PHE A 234 -8.00 -20.30 26.03
N MET A 235 -8.73 -21.39 25.81
CA MET A 235 -10.13 -21.28 25.40
C MET A 235 -11.10 -21.34 26.58
N GLY A 236 -10.60 -21.74 27.75
CA GLY A 236 -11.44 -21.80 28.95
C GLY A 236 -11.98 -23.17 29.27
N LYS A 237 -12.58 -23.30 30.44
CA LYS A 237 -13.18 -24.55 30.89
C LYS A 237 -14.62 -24.61 30.42
N THR A 238 -15.11 -25.83 30.25
CA THR A 238 -16.45 -26.04 29.72
C THR A 238 -17.56 -25.76 30.74
N SER A 239 -18.80 -25.79 30.23
CA SER A 239 -20.02 -25.81 31.03
C SER A 239 -20.29 -24.50 31.80
N VAL A 240 -19.85 -23.37 31.23
CA VAL A 240 -19.99 -22.09 31.90
C VAL A 240 -20.35 -20.95 30.94
N GLY A 241 -21.06 -21.26 29.86
CA GLY A 241 -21.43 -20.24 28.89
C GLY A 241 -20.30 -19.74 27.99
N VAL A 242 -19.20 -20.49 27.92
CA VAL A 242 -18.09 -20.12 27.02
C VAL A 242 -18.08 -21.14 25.88
N PRO A 243 -18.71 -20.77 24.74
CA PRO A 243 -19.05 -21.80 23.73
C PRO A 243 -17.85 -22.53 23.12
N LYS A 244 -16.73 -21.85 22.91
CA LYS A 244 -15.56 -22.50 22.30
C LYS A 244 -14.78 -23.39 23.29
N ALA A 245 -15.17 -23.38 24.56
CA ALA A 245 -14.46 -24.20 25.55
C ALA A 245 -14.74 -25.68 25.31
N ASP A 246 -15.84 -25.98 24.63
CA ASP A 246 -16.15 -27.36 24.27
C ASP A 246 -15.27 -27.81 23.10
N PHE A 247 -14.17 -28.46 23.45
CA PHE A 247 -13.19 -28.99 22.52
C PHE A 247 -13.81 -29.96 21.52
N ASP A 248 -14.74 -30.79 22.00
CA ASP A 248 -15.22 -31.87 21.17
C ASP A 248 -16.21 -31.38 20.14
N ARG A 249 -17.13 -30.50 20.56
CA ARG A 249 -18.04 -29.89 19.60
C ARG A 249 -17.24 -29.24 18.47
N ARG A 250 -16.15 -28.59 18.82
CA ARG A 250 -15.37 -27.91 17.80
C ARG A 250 -14.73 -28.89 16.82
N VAL A 251 -14.11 -29.95 17.34
CA VAL A 251 -13.20 -30.74 16.51
C VAL A 251 -13.98 -31.65 15.54
N VAL A 252 -15.25 -31.93 15.85
CA VAL A 252 -16.05 -32.79 14.97
C VAL A 252 -16.96 -31.99 14.04
N SER A 253 -16.79 -30.67 14.03
CA SER A 253 -17.56 -29.81 13.13
C SER A 253 -17.38 -30.19 11.66
N PHE A 254 -16.15 -30.52 11.25
CA PHE A 254 -15.92 -30.94 9.87
C PHE A 254 -16.69 -32.23 9.55
N ASP A 255 -16.80 -33.11 10.53
CA ASP A 255 -17.45 -34.40 10.32
C ASP A 255 -18.94 -34.19 10.12
N ARG A 256 -19.50 -33.19 10.79
CA ARG A 256 -20.91 -32.84 10.61
C ARG A 256 -21.12 -32.23 9.22
N TRP A 257 -20.18 -31.37 8.81
CA TRP A 257 -20.21 -30.74 7.50
C TRP A 257 -20.17 -31.79 6.40
N LEU A 258 -19.28 -32.76 6.56
CA LEU A 258 -19.17 -33.87 5.62
C LEU A 258 -20.44 -34.76 5.65
N ASP A 259 -21.00 -35.00 6.83
CA ASP A 259 -22.24 -35.76 6.94
C ASP A 259 -23.36 -35.13 6.11
N ALA A 260 -23.37 -33.80 6.05
CA ALA A 260 -24.43 -33.08 5.33
C ALA A 260 -24.18 -33.09 3.82
N GLY A 261 -23.04 -33.61 3.40
CA GLY A 261 -22.78 -33.80 1.98
C GLY A 261 -21.89 -32.76 1.34
N TYR A 262 -21.22 -31.93 2.15
CA TYR A 262 -20.31 -30.91 1.63
C TYR A 262 -18.91 -31.51 1.43
N ARG A 263 -17.94 -30.70 1.04
CA ARG A 263 -16.68 -31.26 0.55
C ARG A 263 -15.42 -30.53 1.06
N TYR A 264 -15.45 -29.20 1.10
CA TYR A 264 -14.25 -28.41 1.37
C TYR A 264 -14.13 -28.01 2.83
N VAL A 265 -12.95 -28.25 3.41
CA VAL A 265 -12.73 -28.00 4.83
C VAL A 265 -11.34 -27.41 5.08
N ASN A 266 -11.17 -26.78 6.23
CA ASN A 266 -9.92 -26.08 6.53
C ASN A 266 -9.58 -26.14 8.02
N PRO A 267 -8.92 -27.25 8.45
CA PRO A 267 -8.40 -27.31 9.82
C PRO A 267 -7.19 -26.42 10.01
N GLY A 268 -6.85 -26.11 11.27
CA GLY A 268 -5.66 -25.34 11.53
C GLY A 268 -5.14 -25.48 12.96
N VAL A 269 -3.88 -25.08 13.15
CA VAL A 269 -3.26 -24.95 14.46
C VAL A 269 -2.82 -23.50 14.62
N LEU A 270 -3.05 -22.93 15.80
CA LEU A 270 -2.50 -21.61 16.07
C LEU A 270 -1.11 -21.71 16.70
N VAL A 271 -0.08 -21.45 15.88
CA VAL A 271 1.30 -21.66 16.28
C VAL A 271 1.73 -20.62 17.31
N GLY A 272 2.05 -21.11 18.50
CA GLY A 272 2.43 -20.23 19.60
C GLY A 272 1.68 -20.57 20.88
N LEU A 273 0.59 -21.32 20.77
CA LEU A 273 -0.14 -21.75 21.97
C LEU A 273 0.58 -22.88 22.71
N HIS A 274 0.72 -24.02 22.04
CA HIS A 274 1.31 -25.20 22.64
C HIS A 274 2.82 -25.22 22.38
N ASP A 275 3.61 -25.52 23.42
CA ASP A 275 5.08 -25.46 23.32
C ASP A 275 5.69 -26.52 22.43
N ASP A 276 5.06 -27.69 22.39
CA ASP A 276 5.61 -28.84 21.70
C ASP A 276 5.05 -28.92 20.29
N LEU A 277 5.75 -28.32 19.33
CA LEU A 277 5.24 -28.25 17.97
C LEU A 277 5.12 -29.63 17.32
N SER A 278 5.96 -30.58 17.74
CA SER A 278 5.91 -31.91 17.15
C SER A 278 4.56 -32.57 17.44
N ALA A 279 3.97 -32.26 18.60
CA ALA A 279 2.67 -32.81 18.97
C ALA A 279 1.56 -32.26 18.08
N GLU A 280 1.59 -30.96 17.82
CA GLU A 280 0.57 -30.33 16.99
C GLU A 280 0.64 -30.77 15.53
N LEU A 281 1.85 -30.88 14.99
CA LEU A 281 1.98 -31.28 13.59
C LEU A 281 1.48 -32.73 13.41
N VAL A 282 1.76 -33.59 14.39
CA VAL A 282 1.23 -34.96 14.36
C VAL A 282 -0.32 -34.94 14.31
N SER A 283 -0.93 -34.17 15.20
CA SER A 283 -2.40 -34.08 15.26
C SER A 283 -3.05 -33.42 14.03
N LEU A 284 -2.47 -32.33 13.54
CA LEU A 284 -2.99 -31.67 12.35
C LEU A 284 -2.85 -32.60 11.15
N VAL A 285 -1.68 -33.22 10.98
CA VAL A 285 -1.52 -34.13 9.85
C VAL A 285 -2.51 -35.31 9.99
N ALA A 286 -2.67 -35.83 11.21
CA ALA A 286 -3.67 -36.87 11.47
C ALA A 286 -5.09 -36.42 11.12
N HIS A 287 -5.42 -35.18 11.47
CA HIS A 287 -6.76 -34.65 11.16
C HIS A 287 -6.93 -34.50 9.65
N GLY A 288 -5.92 -33.95 8.98
CA GLY A 288 -5.94 -33.84 7.54
C GLY A 288 -6.14 -35.20 6.87
N ASP A 289 -5.45 -36.21 7.39
CA ASP A 289 -5.49 -37.55 6.83
C ASP A 289 -6.88 -38.16 6.99
N HIS A 290 -7.49 -37.95 8.16
CA HIS A 290 -8.84 -38.41 8.41
C HIS A 290 -9.84 -37.81 7.42
N LEU A 291 -9.76 -36.49 7.25
CA LEU A 291 -10.63 -35.77 6.35
C LEU A 291 -10.49 -36.28 4.93
N ARG A 292 -9.24 -36.52 4.53
CA ARG A 292 -8.95 -37.05 3.22
C ARG A 292 -9.61 -38.43 3.02
N SER A 293 -9.57 -39.26 4.06
CA SER A 293 -10.15 -40.60 4.01
C SER A 293 -11.66 -40.55 3.81
N ARG A 294 -12.26 -39.45 4.25
CA ARG A 294 -13.70 -39.26 4.12
C ARG A 294 -14.04 -38.61 2.79
N GLY A 295 -13.02 -38.38 1.97
CA GLY A 295 -13.22 -37.82 0.64
C GLY A 295 -13.22 -36.30 0.57
N ALA A 296 -12.87 -35.64 1.67
CA ALA A 296 -12.84 -34.18 1.72
C ALA A 296 -11.66 -33.59 0.94
N THR A 297 -11.83 -32.35 0.50
CA THR A 297 -10.72 -31.53 0.07
C THR A 297 -10.39 -30.57 1.22
N ALA A 298 -9.16 -30.63 1.73
CA ALA A 298 -8.78 -29.83 2.87
C ALA A 298 -7.62 -28.89 2.57
N ASP A 299 -7.75 -27.64 3.03
CA ASP A 299 -6.62 -26.72 3.17
C ASP A 299 -6.14 -26.88 4.61
N LEU A 300 -4.87 -26.56 4.85
CA LEU A 300 -4.32 -26.64 6.22
C LEU A 300 -3.75 -25.29 6.61
N SER A 301 -4.17 -24.77 7.75
CA SER A 301 -3.71 -23.46 8.22
C SER A 301 -2.84 -23.56 9.46
N VAL A 302 -1.68 -22.90 9.43
CA VAL A 302 -0.87 -22.81 10.64
C VAL A 302 -0.51 -21.35 10.94
N PRO A 303 -1.54 -20.53 11.20
CA PRO A 303 -1.25 -19.12 11.50
C PRO A 303 -0.39 -18.98 12.75
N ARG A 304 0.51 -18.02 12.72
CA ARG A 304 1.39 -17.72 13.84
C ARG A 304 0.86 -16.50 14.59
N MET A 305 0.98 -16.52 15.91
CA MET A 305 0.46 -15.47 16.79
C MET A 305 0.82 -14.04 16.39
N ARG A 306 -0.15 -13.15 16.54
CA ARG A 306 0.07 -11.72 16.29
C ARG A 306 -0.34 -10.91 17.52
N PRO A 307 0.12 -9.65 17.60
CA PRO A 307 -0.23 -8.81 18.76
C PRO A 307 -1.73 -8.58 18.90
N ALA A 308 -2.22 -8.68 20.13
CA ALA A 308 -3.64 -8.49 20.43
C ALA A 308 -3.80 -8.08 21.89
N MET A 309 -5.03 -7.78 22.30
CA MET A 309 -5.28 -7.45 23.69
C MET A 309 -5.55 -8.74 24.46
N LYS A 310 -4.47 -9.35 24.93
CA LYS A 310 -4.53 -10.70 25.44
C LYS A 310 -4.68 -10.73 26.94
N SER A 311 -5.10 -11.87 27.48
CA SER A 311 -5.18 -12.05 28.93
C SER A 311 -4.22 -13.14 29.38
N ARG A 312 -3.53 -13.74 28.43
CA ARG A 312 -2.46 -14.69 28.73
C ARG A 312 -1.50 -14.58 27.57
N ASP A 313 -0.20 -14.63 27.83
CA ASP A 313 0.72 -14.53 26.72
C ASP A 313 1.12 -15.91 26.21
N THR A 314 1.85 -15.90 25.09
CA THR A 314 2.02 -17.09 24.28
C THR A 314 3.48 -17.32 23.95
N THR A 315 3.74 -18.37 23.17
CA THR A 315 5.12 -18.76 22.85
C THR A 315 5.52 -18.18 21.50
N ARG A 316 6.57 -17.37 21.47
CA ARG A 316 7.03 -16.85 20.18
C ARG A 316 7.84 -17.94 19.48
N VAL A 317 7.37 -18.31 18.29
CA VAL A 317 8.00 -19.36 17.50
C VAL A 317 8.88 -18.71 16.43
N GLY A 318 10.17 -19.08 16.43
CA GLY A 318 11.10 -18.51 15.48
C GLY A 318 10.86 -18.95 14.05
N ASP A 319 11.43 -18.21 13.10
CA ASP A 319 11.20 -18.49 11.68
C ASP A 319 11.69 -19.88 11.26
N ASP A 320 12.77 -20.37 11.86
CA ASP A 320 13.28 -21.65 11.41
C ASP A 320 12.34 -22.78 11.81
N ASP A 321 11.91 -22.81 13.07
CA ASP A 321 10.93 -23.81 13.51
C ASP A 321 9.65 -23.74 12.68
N TYR A 322 9.24 -22.51 12.39
CA TYR A 322 7.98 -22.29 11.69
C TYR A 322 8.09 -22.77 10.25
N LEU A 323 9.22 -22.50 9.60
CA LEU A 323 9.43 -22.96 8.24
C LEU A 323 9.58 -24.49 8.21
N ARG A 324 10.27 -25.05 9.20
CA ARG A 324 10.38 -26.50 9.31
C ARG A 324 9.02 -27.16 9.48
N LEU A 325 8.15 -26.54 10.28
CA LEU A 325 6.79 -27.05 10.49
C LEU A 325 5.97 -27.03 9.21
N MET A 326 5.94 -25.88 8.55
CA MET A 326 5.27 -25.76 7.26
C MET A 326 5.80 -26.77 6.25
N SER A 327 7.12 -26.95 6.21
CA SER A 327 7.75 -27.90 5.29
C SER A 327 7.29 -29.34 5.50
N VAL A 328 7.31 -29.84 6.75
CA VAL A 328 6.98 -31.25 6.97
C VAL A 328 5.48 -31.48 6.75
N VAL A 329 4.66 -30.48 7.04
CA VAL A 329 3.23 -30.61 6.77
C VAL A 329 2.97 -30.59 5.27
N ALA A 330 3.60 -29.64 4.57
CA ALA A 330 3.39 -29.52 3.13
C ALA A 330 3.89 -30.77 2.39
N PHE A 331 4.99 -31.33 2.86
CA PHE A 331 5.60 -32.47 2.20
C PHE A 331 4.74 -33.73 2.36
N THR A 332 4.27 -34.00 3.57
CA THR A 332 3.56 -35.25 3.82
C THR A 332 2.09 -35.15 3.40
N CYS A 333 1.62 -33.93 3.19
CA CYS A 333 0.24 -33.70 2.78
C CYS A 333 0.16 -32.92 1.47
N PRO A 334 0.74 -33.48 0.40
CA PRO A 334 1.01 -32.69 -0.80
C PRO A 334 -0.24 -32.24 -1.58
N GLU A 335 -1.40 -32.83 -1.32
CA GLU A 335 -2.61 -32.41 -2.00
C GLU A 335 -3.44 -31.47 -1.12
N GLN A 336 -2.95 -31.16 0.08
CA GLN A 336 -3.66 -30.27 1.00
C GLN A 336 -2.89 -28.93 1.15
N ARG A 337 -3.46 -27.86 0.57
CA ARG A 337 -2.77 -26.56 0.46
C ARG A 337 -2.56 -25.87 1.80
N LEU A 338 -1.33 -25.46 2.09
CA LEU A 338 -1.13 -24.55 3.22
C LEU A 338 -1.63 -23.17 2.86
N VAL A 339 -2.22 -22.48 3.84
CA VAL A 339 -2.71 -21.13 3.69
C VAL A 339 -1.71 -20.16 4.38
N LEU A 340 -1.26 -19.15 3.64
CA LEU A 340 -0.34 -18.13 4.16
C LEU A 340 -1.05 -16.78 4.15
N THR A 341 -0.99 -16.07 5.27
CA THR A 341 -1.74 -14.82 5.39
C THR A 341 -0.84 -13.64 5.72
N THR A 342 -1.41 -12.45 5.63
CA THR A 342 -0.66 -11.23 5.92
C THR A 342 -0.52 -10.94 7.41
N ARG A 343 -0.83 -11.92 8.26
CA ARG A 343 -0.23 -11.98 9.58
C ARG A 343 1.29 -11.81 9.45
N GLU A 344 1.85 -12.39 8.40
CA GLU A 344 3.30 -12.38 8.22
C GLU A 344 3.79 -11.19 7.40
N PRO A 345 4.98 -10.67 7.75
CA PRO A 345 5.56 -9.54 7.02
C PRO A 345 6.00 -9.94 5.63
N GLN A 346 6.10 -8.94 4.77
CA GLN A 346 6.54 -9.09 3.38
C GLN A 346 7.76 -9.99 3.26
N GLU A 347 8.78 -9.74 4.08
CA GLU A 347 10.05 -10.49 3.99
CA GLU A 347 10.03 -10.49 3.97
C GLU A 347 9.87 -11.96 4.35
N PHE A 348 8.88 -12.28 5.20
CA PHE A 348 8.67 -13.69 5.50
C PHE A 348 7.87 -14.36 4.39
N GLN A 349 6.86 -13.68 3.86
CA GLN A 349 6.11 -14.20 2.72
C GLN A 349 7.07 -14.55 1.57
N ASP A 350 8.08 -13.69 1.35
CA ASP A 350 9.08 -13.92 0.31
C ASP A 350 9.71 -15.31 0.43
N VAL A 351 10.06 -15.70 1.64
CA VAL A 351 10.75 -16.95 1.90
CA VAL A 351 10.76 -16.95 1.82
C VAL A 351 9.82 -18.17 1.93
N ALA A 352 8.59 -17.96 2.40
CA ALA A 352 7.67 -19.07 2.65
C ALA A 352 6.64 -19.34 1.54
N LEU A 353 6.49 -18.43 0.59
CA LEU A 353 5.37 -18.52 -0.36
C LEU A 353 5.39 -19.82 -1.15
N GLY A 354 6.58 -20.34 -1.42
CA GLY A 354 6.69 -21.58 -2.16
C GLY A 354 6.14 -22.82 -1.47
N LEU A 355 5.91 -22.71 -0.16
CA LEU A 355 5.33 -23.81 0.62
C LEU A 355 3.79 -23.77 0.63
N ALA A 356 3.24 -22.67 0.14
CA ALA A 356 1.80 -22.41 0.28
C ALA A 356 1.04 -22.79 -0.97
N GLY A 357 -0.25 -23.10 -0.81
CA GLY A 357 -1.13 -23.30 -1.94
C GLY A 357 -2.21 -22.23 -2.02
N VAL A 358 -2.36 -21.49 -0.93
CA VAL A 358 -3.33 -20.38 -0.83
C VAL A 358 -2.63 -19.14 -0.25
N ILE A 359 -2.74 -18.00 -0.91
CA ILE A 359 -2.22 -16.74 -0.38
C ILE A 359 -3.41 -15.82 -0.05
N SER A 360 -3.48 -15.34 1.19
CA SER A 360 -4.68 -14.66 1.70
C SER A 360 -4.35 -13.34 2.42
N PRO A 361 -4.31 -12.24 1.65
CA PRO A 361 -4.00 -10.91 2.19
C PRO A 361 -5.28 -10.25 2.67
N GLY A 362 -5.17 -9.34 3.63
CA GLY A 362 -6.35 -8.67 4.14
C GLY A 362 -6.16 -8.18 5.55
N SER A 363 -7.24 -7.73 6.19
CA SER A 363 -7.16 -7.21 7.54
C SER A 363 -8.32 -7.74 8.39
N PRO A 364 -8.05 -8.06 9.66
CA PRO A 364 -9.04 -8.60 10.61
C PRO A 364 -9.75 -7.49 11.39
N ASP A 365 -10.24 -6.51 10.66
CA ASP A 365 -10.98 -5.40 11.22
C ASP A 365 -12.33 -5.45 10.53
N VAL A 366 -13.36 -4.86 11.12
CA VAL A 366 -14.70 -5.00 10.52
C VAL A 366 -14.87 -4.01 9.37
N ALA A 367 -15.32 -4.51 8.22
CA ALA A 367 -15.52 -3.70 7.01
C ALA A 367 -14.37 -2.72 6.76
N PRO A 368 -13.14 -3.25 6.61
CA PRO A 368 -11.97 -2.35 6.62
C PRO A 368 -11.59 -1.78 5.25
N TYR A 369 -12.22 -2.23 4.18
CA TYR A 369 -11.76 -1.92 2.83
C TYR A 369 -12.40 -0.64 2.31
N ARG A 370 -11.67 0.05 1.45
CA ARG A 370 -12.17 1.29 0.86
C ARG A 370 -11.45 1.48 -0.46
N ALA A 371 -12.18 1.85 -1.50
CA ALA A 371 -11.58 1.99 -2.84
C ALA A 371 -10.37 2.93 -2.84
N GLY A 372 -9.24 2.46 -3.36
CA GLY A 372 -8.06 3.29 -3.46
C GLY A 372 -7.28 3.52 -2.18
N CYS A 373 -7.72 2.97 -1.06
CA CYS A 373 -7.07 3.23 0.23
C CYS A 373 -6.53 1.92 0.82
N GLU A 374 -5.52 1.96 1.70
CA GLU A 374 -5.14 0.72 2.36
CA GLU A 374 -5.12 0.73 2.36
C GLU A 374 -6.20 0.40 3.40
N ALA A 375 -6.42 -0.89 3.63
CA ALA A 375 -7.43 -1.34 4.58
C ALA A 375 -7.12 -0.89 6.01
N ARG A 376 -8.18 -0.60 6.76
CA ARG A 376 -8.05 -0.31 8.17
C ARG A 376 -7.63 -1.54 8.97
N ASN A 377 -6.83 -1.31 10.01
CA ASN A 377 -6.48 -2.32 11.00
C ASN A 377 -6.38 -1.59 12.33
N ASP A 378 -7.50 -1.00 12.73
CA ASP A 378 -7.55 -0.15 13.93
C ASP A 378 -7.47 -0.99 15.19
N GLU A 379 -6.56 -0.66 16.12
CA GLU A 379 -6.42 -1.45 17.33
C GLU A 379 -7.69 -1.39 18.20
N LYS A 380 -8.48 -0.33 18.02
CA LYS A 380 -9.72 -0.17 18.76
C LYS A 380 -10.80 -1.21 18.40
N SER A 381 -10.71 -1.80 17.21
CA SER A 381 -11.78 -2.70 16.78
C SER A 381 -11.31 -3.99 16.12
N SER A 382 -10.01 -4.15 15.91
CA SER A 382 -9.50 -5.34 15.21
C SER A 382 -9.30 -6.54 16.11
N GLN A 383 -9.36 -7.74 15.53
CA GLN A 383 -9.09 -8.98 16.26
C GLN A 383 -7.63 -9.08 16.69
N PHE A 384 -6.72 -8.63 15.83
CA PHE A 384 -5.29 -8.60 16.12
C PHE A 384 -4.62 -7.67 15.10
N LEU A 385 -3.32 -7.43 15.24
CA LEU A 385 -2.60 -6.53 14.34
C LEU A 385 -1.77 -7.30 13.31
N VAL A 386 -2.00 -7.04 12.04
CA VAL A 386 -1.24 -7.73 10.99
C VAL A 386 0.07 -7.05 10.65
N ALA A 387 0.96 -7.78 9.99
CA ALA A 387 2.29 -7.27 9.67
C ALA A 387 2.34 -6.60 8.30
N ASP A 388 1.39 -6.91 7.43
CA ASP A 388 1.46 -6.43 6.06
C ASP A 388 0.13 -5.83 5.66
N LEU A 389 0.10 -4.50 5.50
CA LEU A 389 -1.19 -3.85 5.20
C LEU A 389 -1.31 -3.38 3.74
N ARG A 390 -0.35 -3.77 2.90
CA ARG A 390 -0.44 -3.46 1.47
C ARG A 390 -1.73 -4.00 0.84
N ARG A 391 -2.30 -3.26 -0.12
CA ARG A 391 -3.53 -3.68 -0.80
CA ARG A 391 -3.55 -3.70 -0.71
C ARG A 391 -3.37 -5.06 -1.40
N PRO A 392 -4.42 -5.90 -1.31
CA PRO A 392 -4.36 -7.23 -1.91
C PRO A 392 -3.93 -7.20 -3.38
N ARG A 393 -4.46 -6.28 -4.16
CA ARG A 393 -4.10 -6.31 -5.58
C ARG A 393 -2.61 -5.95 -5.82
N HIS A 394 -2.00 -5.22 -4.89
CA HIS A 394 -0.56 -4.96 -4.99
C HIS A 394 0.20 -6.21 -4.64
N ILE A 395 -0.14 -6.82 -3.52
CA ILE A 395 0.56 -8.03 -3.06
C ILE A 395 0.47 -9.14 -4.11
N LEU A 396 -0.73 -9.34 -4.64
CA LEU A 396 -0.99 -10.42 -5.58
C LEU A 396 -0.38 -10.11 -6.94
N GLY A 397 -0.45 -8.84 -7.33
CA GLY A 397 0.20 -8.40 -8.56
C GLY A 397 1.72 -8.62 -8.55
N ARG A 398 2.35 -8.38 -7.40
CA ARG A 398 3.79 -8.56 -7.32
C ARG A 398 4.15 -10.05 -7.40
N ILE A 399 3.32 -10.89 -6.80
CA ILE A 399 3.52 -12.34 -6.90
C ILE A 399 3.41 -12.77 -8.37
N GLU A 400 2.39 -12.29 -9.08
CA GLU A 400 2.24 -12.63 -10.49
C GLU A 400 3.40 -12.10 -11.32
N ALA A 401 3.84 -10.86 -11.05
CA ALA A 401 4.95 -10.27 -11.78
C ALA A 401 6.24 -11.06 -11.59
N SER A 402 6.37 -11.73 -10.45
CA SER A 402 7.57 -12.50 -10.15
C SER A 402 7.52 -13.89 -10.77
N GLY A 403 6.37 -14.24 -11.36
CA GLY A 403 6.27 -15.47 -12.13
C GLY A 403 5.33 -16.55 -11.63
N THR A 404 4.51 -16.26 -10.63
CA THR A 404 3.54 -17.23 -10.16
C THR A 404 2.12 -16.70 -10.33
N PRO A 405 1.34 -17.27 -11.25
CA PRO A 405 -0.05 -16.80 -11.38
C PRO A 405 -0.85 -17.12 -10.13
N VAL A 406 -1.82 -16.26 -9.82
CA VAL A 406 -2.69 -16.48 -8.68
C VAL A 406 -4.14 -16.64 -9.17
N ASP A 407 -4.71 -17.83 -8.98
CA ASP A 407 -6.09 -18.08 -9.40
C ASP A 407 -7.04 -17.34 -8.46
N HIS A 408 -8.20 -16.96 -9.00
CA HIS A 408 -9.21 -16.12 -8.31
C HIS A 408 -8.69 -14.69 -8.09
N PHE A 409 -7.74 -14.28 -8.92
CA PHE A 409 -7.25 -12.90 -8.94
C PHE A 409 -7.28 -12.42 -10.38
N VAL A 410 -7.96 -11.31 -10.63
CA VAL A 410 -7.99 -10.70 -11.96
C VAL A 410 -7.41 -9.30 -11.82
N ASN A 411 -6.12 -9.15 -12.16
CA ASN A 411 -5.46 -7.85 -11.99
C ASN A 411 -6.23 -6.75 -12.73
N PRO A 412 -6.68 -5.72 -12.00
CA PRO A 412 -7.61 -4.74 -12.62
C PRO A 412 -6.90 -3.74 -13.55
N ALA A 413 -6.14 -4.28 -14.51
CA ALA A 413 -5.18 -3.52 -15.30
C ALA A 413 -5.50 -3.52 -16.80
N GLY A 414 -5.06 -2.48 -17.49
CA GLY A 414 -5.16 -2.42 -18.94
C GLY A 414 -6.58 -2.50 -19.43
N GLU A 415 -6.86 -3.50 -20.27
CA GLU A 415 -8.17 -3.66 -20.89
C GLU A 415 -9.19 -4.32 -19.95
N ALA A 416 -8.71 -4.79 -18.79
CA ALA A 416 -9.59 -5.28 -17.74
C ALA A 416 -9.79 -4.23 -16.65
N SER A 417 -9.41 -2.98 -16.93
CA SER A 417 -9.65 -1.86 -16.02
C SER A 417 -10.85 -1.01 -16.44
N ARG A 418 -11.54 -0.45 -15.46
CA ARG A 418 -12.71 0.39 -15.71
C ARG A 418 -12.46 1.82 -15.24
N SER B 30 3.16 2.09 -20.33
CA SER B 30 2.48 1.92 -19.04
C SER B 30 1.22 2.77 -18.98
N HIS B 31 0.18 2.27 -18.31
CA HIS B 31 -1.09 3.00 -18.20
C HIS B 31 -2.12 2.47 -17.16
N ALA B 32 -3.33 2.18 -17.63
CA ALA B 32 -4.55 2.22 -16.80
C ALA B 32 -4.76 1.10 -15.77
N MET B 33 -5.36 1.49 -14.65
CA MET B 33 -5.89 0.57 -13.64
C MET B 33 -7.20 1.13 -13.06
N THR B 34 -8.15 0.25 -12.71
CA THR B 34 -9.39 0.68 -12.04
C THR B 34 -9.02 1.56 -10.83
N GLY B 35 -9.66 2.72 -10.71
CA GLY B 35 -9.40 3.59 -9.57
C GLY B 35 -8.30 4.61 -9.76
N ASP B 36 -7.60 4.57 -10.90
CA ASP B 36 -6.56 5.57 -11.20
C ASP B 36 -7.17 6.94 -11.49
N PHE B 37 -6.36 7.99 -11.43
CA PHE B 37 -6.79 9.33 -11.82
C PHE B 37 -7.35 9.36 -13.25
N VAL B 38 -8.50 10.01 -13.42
CA VAL B 38 -9.08 10.26 -14.75
C VAL B 38 -9.19 11.77 -14.95
N LEU B 39 -8.65 12.27 -16.05
CA LEU B 39 -8.71 13.71 -16.33
C LEU B 39 -10.17 14.15 -16.41
N PRO B 40 -10.50 15.29 -15.79
CA PRO B 40 -11.88 15.75 -15.91
C PRO B 40 -12.18 16.28 -17.32
N GLU B 41 -13.45 16.25 -17.71
CA GLU B 41 -13.88 16.92 -18.93
C GLU B 41 -14.15 18.38 -18.59
N LEU B 42 -13.38 19.30 -19.17
CA LEU B 42 -13.47 20.71 -18.80
C LEU B 42 -14.90 21.24 -19.03
N GLU B 43 -15.58 20.71 -20.03
CA GLU B 43 -16.93 21.22 -20.33
C GLU B 43 -17.90 20.87 -19.20
N ASP B 44 -17.75 19.68 -18.64
CA ASP B 44 -18.56 19.26 -17.50
C ASP B 44 -18.21 20.08 -16.26
N VAL B 45 -16.93 20.37 -16.06
CA VAL B 45 -16.53 21.21 -14.94
C VAL B 45 -17.03 22.66 -15.10
N ARG B 46 -16.98 23.18 -16.33
CA ARG B 46 -17.55 24.50 -16.63
C ARG B 46 -19.03 24.59 -16.27
N ALA B 47 -19.81 23.58 -16.64
CA ALA B 47 -21.21 23.56 -16.29
C ALA B 47 -21.39 23.52 -14.77
N GLU B 48 -20.58 22.74 -14.08
CA GLU B 48 -20.71 22.69 -12.62
C GLU B 48 -20.34 24.04 -12.00
N ALA B 49 -19.27 24.66 -12.51
CA ALA B 49 -18.77 25.94 -11.97
C ALA B 49 -19.80 27.05 -12.08
N ALA B 50 -20.71 26.91 -13.05
CA ALA B 50 -21.76 27.89 -13.27
C ALA B 50 -22.83 27.85 -12.17
N THR B 51 -22.84 26.79 -11.38
CA THR B 51 -23.80 26.70 -10.27
C THR B 51 -23.22 27.21 -8.93
N VAL B 52 -21.91 27.48 -8.92
CA VAL B 52 -21.24 27.87 -7.69
C VAL B 52 -21.56 29.31 -7.30
N ASP B 53 -21.97 29.49 -6.06
CA ASP B 53 -22.10 30.83 -5.47
C ASP B 53 -20.74 31.28 -4.92
N THR B 54 -19.97 32.01 -5.72
CA THR B 54 -18.61 32.35 -5.31
C THR B 54 -18.54 33.18 -4.03
N ARG B 55 -19.50 34.08 -3.85
CA ARG B 55 -19.52 34.89 -2.64
C ARG B 55 -19.74 34.01 -1.41
N ALA B 56 -20.62 33.01 -1.52
CA ALA B 56 -20.88 32.09 -0.42
C ALA B 56 -19.66 31.23 -0.12
N VAL B 57 -18.93 30.86 -1.17
CA VAL B 57 -17.69 30.10 -1.03
C VAL B 57 -16.68 30.87 -0.18
N LEU B 58 -16.51 32.14 -0.50
CA LEU B 58 -15.59 33.01 0.24
C LEU B 58 -15.98 33.18 1.72
N ALA B 59 -17.27 33.01 2.02
CA ALA B 59 -17.76 33.15 3.39
C ALA B 59 -17.62 31.86 4.21
N LEU B 60 -17.25 30.77 3.56
CA LEU B 60 -17.06 29.51 4.27
C LEU B 60 -16.00 29.62 5.38
N ALA B 61 -16.27 28.97 6.51
CA ALA B 61 -15.32 28.95 7.62
C ALA B 61 -14.15 28.02 7.30
N GLU B 62 -13.08 28.12 8.08
CA GLU B 62 -11.94 27.25 7.89
C GLU B 62 -12.39 25.81 8.15
N GLY B 63 -12.04 24.91 7.24
CA GLY B 63 -12.33 23.50 7.43
C GLY B 63 -13.57 23.01 6.72
N GLU B 64 -14.57 23.87 6.55
CA GLU B 64 -15.79 23.43 5.89
C GLU B 64 -15.70 23.56 4.36
N GLU B 65 -16.37 22.65 3.69
CA GLU B 65 -16.18 22.41 2.26
C GLU B 65 -17.36 22.93 1.45
N PRO B 66 -17.09 23.48 0.24
CA PRO B 66 -18.23 23.90 -0.59
C PRO B 66 -19.04 22.70 -1.04
N ALA B 67 -20.24 22.95 -1.52
CA ALA B 67 -21.13 21.88 -1.98
C ALA B 67 -20.63 21.25 -3.27
N GLU B 68 -19.96 22.03 -4.11
CA GLU B 68 -19.57 21.57 -5.43
C GLU B 68 -18.17 20.97 -5.42
N SER B 69 -17.75 20.36 -6.52
CA SER B 69 -16.41 19.77 -6.56
C SER B 69 -15.34 20.86 -6.46
N ARG B 70 -14.20 20.52 -5.86
CA ARG B 70 -13.11 21.49 -5.72
C ARG B 70 -12.73 22.09 -7.06
N ALA B 71 -12.69 21.26 -8.10
CA ALA B 71 -12.25 21.76 -9.40
C ALA B 71 -13.23 22.80 -9.95
N ALA B 72 -14.53 22.55 -9.78
CA ALA B 72 -15.57 23.49 -10.21
C ALA B 72 -15.50 24.80 -9.44
N VAL B 73 -15.25 24.70 -8.13
CA VAL B 73 -15.15 25.88 -7.27
C VAL B 73 -13.92 26.70 -7.66
N ALA B 74 -12.80 26.01 -7.92
CA ALA B 74 -11.58 26.71 -8.33
C ALA B 74 -11.81 27.46 -9.63
N LEU B 75 -12.42 26.79 -10.61
CA LEU B 75 -12.72 27.44 -11.88
C LEU B 75 -13.65 28.66 -11.68
N ALA B 76 -14.68 28.51 -10.85
CA ALA B 76 -15.62 29.61 -10.64
C ALA B 76 -14.93 30.83 -10.02
N LEU B 77 -14.11 30.60 -9.00
CA LEU B 77 -13.34 31.69 -8.40
C LEU B 77 -12.40 32.33 -9.41
N TRP B 78 -11.67 31.51 -10.16
CA TRP B 78 -10.73 32.01 -11.16
C TRP B 78 -11.42 32.93 -12.19
N GLU B 79 -12.60 32.51 -12.65
CA GLU B 79 -13.27 33.24 -13.72
CA GLU B 79 -13.30 33.21 -13.73
C GLU B 79 -14.14 34.40 -13.26
N ASP B 80 -14.46 34.46 -11.97
CA ASP B 80 -15.35 35.54 -11.48
C ASP B 80 -14.50 36.80 -11.28
N ARG B 81 -14.42 37.64 -12.30
CA ARG B 81 -13.54 38.80 -12.20
CA ARG B 81 -13.55 38.81 -12.22
C ARG B 81 -14.15 39.94 -11.38
N SER B 82 -15.38 39.74 -10.88
CA SER B 82 -15.92 40.68 -9.90
C SER B 82 -15.19 40.47 -8.55
N ILE B 83 -14.51 39.35 -8.41
CA ILE B 83 -13.69 39.10 -7.23
C ILE B 83 -12.22 39.37 -7.58
N GLY B 84 -11.64 40.37 -6.95
CA GLY B 84 -10.27 40.81 -7.26
C GLY B 84 -9.23 39.81 -6.76
N THR B 85 -8.08 39.82 -7.41
CA THR B 85 -6.99 38.93 -7.02
C THR B 85 -6.50 39.18 -5.59
N ALA B 86 -6.47 40.45 -5.19
CA ALA B 86 -6.07 40.81 -3.82
C ALA B 86 -7.04 40.22 -2.80
N GLU B 87 -8.32 40.24 -3.15
CA GLU B 87 -9.37 39.61 -2.37
C GLU B 87 -9.16 38.11 -2.24
N LEU B 88 -8.88 37.46 -3.36
CA LEU B 88 -8.64 36.02 -3.36
C LEU B 88 -7.37 35.70 -2.57
N GLN B 89 -6.33 36.51 -2.70
CA GLN B 89 -5.09 36.23 -1.95
C GLN B 89 -5.33 36.33 -0.43
N ALA B 90 -6.08 37.33 0.02
CA ALA B 90 -6.35 37.49 1.44
C ALA B 90 -7.13 36.28 1.97
N ALA B 91 -8.12 35.85 1.18
CA ALA B 91 -8.96 34.72 1.54
C ALA B 91 -8.17 33.44 1.66
N ALA B 92 -7.30 33.18 0.68
CA ALA B 92 -6.46 31.99 0.73
C ALA B 92 -5.46 32.05 1.87
N GLU B 93 -4.86 33.21 2.10
CA GLU B 93 -3.88 33.31 3.18
C GLU B 93 -4.55 33.08 4.52
N ALA B 94 -5.79 33.54 4.66
CA ALA B 94 -6.57 33.31 5.86
C ALA B 94 -6.97 31.84 5.99
N ARG B 95 -7.53 31.28 4.91
CA ARG B 95 -8.05 29.91 4.96
C ARG B 95 -6.95 28.88 5.16
N CYS B 96 -5.71 29.26 4.86
N CYS B 96 -5.73 29.22 4.73
CA CYS B 96 -4.57 28.40 5.11
CA CYS B 96 -4.59 28.28 4.81
C CYS B 96 -3.77 28.81 6.34
C CYS B 96 -3.51 28.80 5.76
N GLY B 97 -4.15 29.93 6.95
N GLY B 97 -3.95 29.56 6.77
CA GLY B 97 -3.35 30.54 7.99
CA GLY B 97 -3.03 30.16 7.74
C GLY B 97 -3.15 29.70 9.25
C GLY B 97 -3.02 29.52 9.13
N ALA B 98 -4.05 28.75 9.44
CA ALA B 98 -4.09 27.99 10.68
C ALA B 98 -3.22 26.75 10.60
N ARG B 99 -2.68 26.46 9.42
CA ARG B 99 -1.96 25.24 9.16
C ARG B 99 -0.66 25.18 10.00
N ARG B 100 -0.32 24.03 10.55
CA ARG B 100 0.90 23.90 11.34
C ARG B 100 1.72 22.70 10.89
N PRO B 101 3.03 22.90 10.67
CA PRO B 101 3.77 24.18 10.71
C PRO B 101 3.35 25.11 9.57
N ARG B 102 3.56 26.42 9.71
CA ARG B 102 3.22 27.31 8.60
C ARG B 102 4.07 27.04 7.38
N LEU B 103 5.35 26.73 7.58
CA LEU B 103 6.25 26.42 6.46
C LEU B 103 7.20 25.30 6.82
N HIS B 104 7.56 24.47 5.84
CA HIS B 104 8.77 23.65 5.98
C HIS B 104 9.61 23.80 4.70
N THR B 105 10.84 23.31 4.74
CA THR B 105 11.76 23.57 3.64
C THR B 105 12.41 22.29 3.15
N PHE B 106 12.75 22.26 1.86
CA PHE B 106 13.73 21.30 1.35
C PHE B 106 14.57 22.01 0.30
N VAL B 107 15.81 21.55 0.14
CA VAL B 107 16.73 22.10 -0.87
C VAL B 107 16.96 21.04 -1.94
N PRO B 108 16.88 21.42 -3.23
CA PRO B 108 17.10 20.43 -4.28
C PRO B 108 18.58 20.08 -4.49
N LEU B 109 18.81 18.81 -4.78
CA LEU B 109 20.12 18.35 -5.22
C LEU B 109 19.96 17.60 -6.53
N TYR B 110 20.37 18.22 -7.63
CA TYR B 110 20.39 17.55 -8.92
C TYR B 110 21.61 16.60 -8.93
N THR B 111 21.35 15.31 -9.07
CA THR B 111 22.40 14.29 -8.92
C THR B 111 23.08 13.96 -10.24
N THR B 112 22.54 14.48 -11.32
CA THR B 112 23.11 14.33 -12.66
C THR B 112 22.31 15.27 -13.54
N ASN B 113 22.85 15.63 -14.69
CA ASN B 113 22.08 16.37 -15.69
C ASN B 113 22.03 15.59 -17.02
N TYR B 114 22.36 14.30 -16.99
CA TYR B 114 22.08 13.42 -18.13
C TYR B 114 20.56 13.20 -18.24
N CYS B 115 20.04 13.13 -19.46
CA CYS B 115 18.64 12.83 -19.70
C CYS B 115 18.44 12.22 -21.08
N ASP B 116 17.53 11.24 -21.18
CA ASP B 116 17.21 10.65 -22.49
C ASP B 116 16.01 11.32 -23.18
N SER B 117 15.30 12.19 -22.47
CA SER B 117 14.10 12.79 -23.05
C SER B 117 14.40 14.12 -23.76
N GLU B 118 13.38 14.81 -24.27
CA GLU B 118 13.62 15.93 -25.19
C GLU B 118 12.69 17.12 -24.93
N CYS B 119 12.44 17.44 -23.67
CA CYS B 119 11.50 18.54 -23.39
C CYS B 119 12.06 19.87 -23.91
N LYS B 120 11.28 20.53 -24.76
CA LYS B 120 11.76 21.69 -25.51
C LYS B 120 11.99 22.95 -24.67
N MET B 121 11.46 22.97 -23.44
CA MET B 121 11.68 24.12 -22.56
C MET B 121 12.86 23.92 -21.61
N CYS B 122 13.52 22.76 -21.69
CA CYS B 122 14.48 22.35 -20.65
C CYS B 122 15.93 22.23 -21.16
N SER B 123 16.91 22.75 -20.44
CA SER B 123 18.32 22.67 -20.93
C SER B 123 18.88 21.24 -20.90
N MET B 124 18.29 20.36 -20.11
CA MET B 124 18.82 19.00 -19.97
C MET B 124 18.40 18.08 -21.10
N ARG B 125 17.50 18.57 -21.97
CA ARG B 125 17.05 17.78 -23.12
C ARG B 125 18.22 17.12 -23.83
N LYS B 126 18.02 15.87 -24.26
CA LYS B 126 19.12 15.08 -24.81
C LYS B 126 19.76 15.76 -26.02
N GLY B 127 18.95 16.43 -26.83
CA GLY B 127 19.45 17.07 -28.03
C GLY B 127 20.23 18.35 -27.81
N ASN B 128 20.33 18.81 -26.56
CA ASN B 128 21.13 20.01 -26.29
C ASN B 128 22.60 19.62 -26.13
N HIS B 129 23.34 19.66 -27.24
CA HIS B 129 24.72 19.21 -27.22
C HIS B 129 25.66 20.23 -26.60
N ARG B 130 25.14 21.42 -26.29
CA ARG B 130 25.95 22.44 -25.63
C ARG B 130 26.16 22.21 -24.13
N LEU B 131 25.31 21.39 -23.52
CA LEU B 131 25.40 21.17 -22.07
C LEU B 131 26.60 20.33 -21.69
N ASP B 132 27.28 20.74 -20.62
CA ASP B 132 28.35 19.94 -20.04
CA ASP B 132 28.36 19.97 -20.02
C ASP B 132 27.73 18.93 -19.08
N ARG B 133 27.79 17.66 -19.44
CA ARG B 133 27.07 16.63 -18.68
C ARG B 133 27.89 16.16 -17.48
N LYS B 134 27.21 16.00 -16.35
CA LYS B 134 27.82 15.71 -15.04
C LYS B 134 27.04 14.61 -14.32
N PHE B 135 27.71 13.87 -13.44
CA PHE B 135 27.12 12.76 -12.70
C PHE B 135 27.80 12.68 -11.33
N SER B 136 26.98 12.69 -10.28
CA SER B 136 27.50 12.63 -8.91
C SER B 136 27.52 11.21 -8.36
N GLY B 137 28.69 10.72 -7.98
CA GLY B 137 28.75 9.41 -7.35
C GLY B 137 28.58 9.48 -5.85
N ARG B 138 28.96 8.39 -5.19
CA ARG B 138 28.80 8.23 -3.74
C ARG B 138 29.42 9.40 -2.99
N LYS B 139 30.65 9.73 -3.37
CA LYS B 139 31.42 10.72 -2.63
C LYS B 139 30.81 12.10 -2.77
N GLU B 140 30.44 12.47 -3.99
CA GLU B 140 29.93 13.81 -4.24
C GLU B 140 28.54 14.02 -3.63
N ILE B 141 27.66 13.02 -3.77
CA ILE B 141 26.33 13.13 -3.14
C ILE B 141 26.49 13.28 -1.63
N THR B 142 27.38 12.48 -1.03
CA THR B 142 27.56 12.57 0.42
C THR B 142 28.11 13.94 0.85
N GLU B 143 29.10 14.44 0.12
CA GLU B 143 29.68 15.76 0.39
C GLU B 143 28.63 16.88 0.34
N GLN B 144 27.80 16.83 -0.69
CA GLN B 144 26.74 17.83 -0.89
C GLN B 144 25.73 17.76 0.27
N LEU B 145 25.34 16.56 0.65
CA LEU B 145 24.40 16.41 1.77
C LEU B 145 24.97 16.98 3.07
N GLU B 146 26.26 16.75 3.29
CA GLU B 146 26.91 17.27 4.49
C GLU B 146 26.99 18.80 4.46
N ILE B 147 27.20 19.37 3.27
CA ILE B 147 27.24 20.83 3.16
C ILE B 147 25.85 21.40 3.45
N LEU B 148 24.82 20.77 2.88
CA LEU B 148 23.45 21.25 3.14
C LEU B 148 23.09 21.12 4.62
N TYR B 149 23.49 20.01 5.24
CA TYR B 149 23.14 19.77 6.63
C TYR B 149 23.83 20.76 7.58
N HIS B 150 25.14 20.87 7.46
CA HIS B 150 25.93 21.64 8.43
C HIS B 150 26.11 23.11 8.05
N HIS B 151 26.27 23.40 6.76
CA HIS B 151 26.59 24.78 6.38
C HIS B 151 25.36 25.58 5.97
N GLU B 152 24.32 24.90 5.50
CA GLU B 152 23.04 25.61 5.25
C GLU B 152 22.00 25.36 6.35
N GLY B 153 22.24 24.34 7.18
CA GLY B 153 21.31 24.05 8.28
C GLY B 153 19.96 23.48 7.89
N VAL B 154 19.87 22.83 6.72
CA VAL B 154 18.56 22.31 6.33
C VAL B 154 18.43 20.81 6.64
N ARG B 155 17.19 20.35 6.82
CA ARG B 155 16.89 18.96 7.15
C ARG B 155 15.86 18.42 6.19
N GLY B 156 15.66 19.14 5.08
CA GLY B 156 14.91 18.63 3.95
C GLY B 156 15.74 18.69 2.69
N VAL B 157 15.68 17.63 1.88
CA VAL B 157 16.44 17.60 0.64
C VAL B 157 15.62 16.91 -0.46
N GLY B 158 15.86 17.30 -1.72
CA GLY B 158 15.18 16.67 -2.84
C GLY B 158 16.27 16.10 -3.77
N PHE B 159 16.04 14.92 -4.36
CA PHE B 159 17.00 14.35 -5.32
C PHE B 159 16.36 14.34 -6.70
N LEU B 160 17.12 14.79 -7.70
CA LEU B 160 16.60 14.89 -9.08
C LEU B 160 17.54 14.25 -10.10
N THR B 161 16.95 13.77 -11.20
CA THR B 161 17.66 13.15 -12.32
C THR B 161 16.91 13.54 -13.59
N GLY B 162 17.43 13.12 -14.74
CA GLY B 162 16.66 13.17 -15.98
C GLY B 162 15.73 11.97 -16.02
N GLU B 163 15.05 11.73 -17.14
CA GLU B 163 14.26 10.49 -17.27
C GLU B 163 14.88 9.67 -18.40
N TYR B 164 15.02 8.35 -18.19
CA TYR B 164 15.78 7.51 -19.09
C TYR B 164 14.88 6.56 -19.87
N GLU B 165 15.37 6.11 -21.03
CA GLU B 165 14.53 5.36 -21.95
C GLU B 165 14.52 3.84 -21.69
N ASP B 166 15.70 3.21 -21.63
CA ASP B 166 15.70 1.76 -21.57
CA ASP B 166 15.85 1.76 -21.52
C ASP B 166 15.52 1.25 -20.13
N LYS B 167 14.90 0.08 -20.03
CA LYS B 167 14.51 -0.47 -18.72
C LYS B 167 15.69 -0.60 -17.75
N HIS B 168 16.82 -1.11 -18.21
CA HIS B 168 17.93 -1.31 -17.28
C HIS B 168 18.40 0.05 -16.73
N THR B 169 18.46 1.08 -17.57
CA THR B 169 18.88 2.40 -17.10
C THR B 169 17.89 2.95 -16.06
N ARG B 170 16.60 2.82 -16.35
CA ARG B 170 15.59 3.30 -15.37
C ARG B 170 15.71 2.58 -14.02
N LEU B 171 15.94 1.27 -14.05
CA LEU B 171 16.12 0.49 -12.82
C LEU B 171 17.39 0.92 -12.08
N ALA B 172 18.48 1.12 -12.82
CA ALA B 172 19.74 1.55 -12.20
C ALA B 172 19.63 2.94 -11.59
N SER B 173 18.89 3.83 -12.25
CA SER B 173 18.65 5.17 -11.73
CA SER B 173 18.65 5.16 -11.72
C SER B 173 17.85 5.09 -10.43
N ALA B 174 16.80 4.28 -10.44
CA ALA B 174 15.97 4.09 -9.23
C ALA B 174 16.80 3.55 -8.07
N PHE B 175 17.70 2.64 -8.41
CA PHE B 175 18.60 2.08 -7.40
C PHE B 175 19.47 3.15 -6.73
N ARG B 176 20.13 3.97 -7.54
CA ARG B 176 20.99 5.03 -7.05
C ARG B 176 20.23 6.06 -6.21
N ILE B 177 19.04 6.44 -6.67
CA ILE B 177 18.27 7.44 -5.94
C ILE B 177 17.71 6.87 -4.64
N GLY B 178 17.33 5.60 -4.63
CA GLY B 178 16.89 4.94 -3.40
C GLY B 178 18.03 4.96 -2.39
N TRP B 179 19.24 4.67 -2.87
CA TRP B 179 20.41 4.75 -1.97
C TRP B 179 20.57 6.18 -1.40
N ALA B 180 20.43 7.19 -2.26
CA ALA B 180 20.59 8.58 -1.80
C ALA B 180 19.55 8.93 -0.73
N ILE B 181 18.31 8.49 -0.96
CA ILE B 181 17.23 8.78 0.01
C ILE B 181 17.53 8.14 1.37
N ARG B 182 17.93 6.87 1.35
CA ARG B 182 18.28 6.17 2.57
C ARG B 182 19.44 6.87 3.28
N THR B 183 20.44 7.28 2.50
CA THR B 183 21.62 7.94 3.04
C THR B 183 21.29 9.29 3.71
N ALA B 184 20.38 10.05 3.10
CA ALA B 184 19.98 11.33 3.67
C ALA B 184 19.18 11.11 4.98
N LEU B 185 18.28 10.14 4.97
CA LEU B 185 17.49 9.86 6.18
C LEU B 185 18.40 9.43 7.33
N ASP B 186 19.37 8.59 7.01
CA ASP B 186 20.33 8.14 8.02
C ASP B 186 21.21 9.28 8.56
N LEU B 187 21.48 10.29 7.74
CA LEU B 187 22.21 11.48 8.17
C LEU B 187 21.40 12.38 9.05
N GLY B 188 20.09 12.17 9.07
CA GLY B 188 19.20 12.99 9.90
C GLY B 188 18.34 13.99 9.16
N PHE B 189 18.27 13.87 7.84
CA PHE B 189 17.29 14.65 7.09
C PHE B 189 15.93 14.11 7.48
N GLU B 190 14.99 15.01 7.73
CA GLU B 190 13.66 14.66 8.24
C GLU B 190 12.57 14.62 7.15
N ARG B 191 12.93 15.02 5.94
CA ARG B 191 12.03 15.04 4.79
C ARG B 191 12.87 14.91 3.53
N VAL B 192 12.49 13.99 2.66
CA VAL B 192 13.21 13.78 1.40
C VAL B 192 12.19 13.77 0.25
N TYR B 193 12.45 14.57 -0.77
CA TYR B 193 11.69 14.56 -2.00
C TYR B 193 12.51 13.87 -3.09
N PHE B 194 11.85 13.28 -4.09
CA PHE B 194 12.60 12.88 -5.28
C PHE B 194 11.80 13.20 -6.54
N ASN B 195 12.51 13.44 -7.63
CA ASN B 195 11.89 13.91 -8.88
C ASN B 195 12.76 13.31 -9.99
N ILE B 196 12.41 12.11 -10.43
CA ILE B 196 13.28 11.32 -11.30
C ILE B 196 12.55 10.76 -12.52
N GLY B 197 11.41 11.37 -12.86
CA GLY B 197 10.62 10.90 -14.00
C GLY B 197 9.43 10.04 -13.63
N SER B 198 8.65 9.62 -14.64
CA SER B 198 7.60 8.63 -14.44
C SER B 198 8.17 7.34 -13.85
N MET B 199 7.33 6.60 -13.13
CA MET B 199 7.79 5.33 -12.56
C MET B 199 6.75 4.23 -12.77
N GLU B 200 7.22 3.11 -13.30
CA GLU B 200 6.42 1.90 -13.38
C GLU B 200 6.58 1.09 -12.09
N GLN B 201 5.73 0.09 -11.89
CA GLN B 201 5.71 -0.61 -10.60
C GLN B 201 7.05 -1.30 -10.26
N ASP B 202 7.71 -1.90 -11.26
CA ASP B 202 8.98 -2.58 -10.95
C ASP B 202 10.10 -1.58 -10.61
N GLU B 203 9.98 -0.37 -11.11
CA GLU B 203 10.93 0.68 -10.77
C GLU B 203 10.71 1.20 -9.33
N ILE B 204 9.45 1.30 -8.94
CA ILE B 204 9.10 1.65 -7.58
C ILE B 204 9.58 0.54 -6.64
N ASP B 205 9.47 -0.71 -7.08
CA ASP B 205 10.00 -1.85 -6.30
C ASP B 205 11.49 -1.62 -5.94
N VAL B 206 12.29 -1.24 -6.94
CA VAL B 206 13.73 -1.07 -6.72
C VAL B 206 14.04 0.12 -5.81
N LEU B 207 13.40 1.26 -6.03
CA LEU B 207 13.59 2.41 -5.15
C LEU B 207 13.10 2.07 -3.74
N GLY B 208 11.96 1.38 -3.67
CA GLY B 208 11.26 1.17 -2.40
C GLY B 208 11.99 0.25 -1.44
N GLU B 209 12.90 -0.57 -1.97
CA GLU B 209 13.69 -1.46 -1.11
C GLU B 209 14.66 -0.68 -0.21
N TRP B 210 14.77 0.63 -0.45
CA TRP B 210 15.66 1.48 0.33
C TRP B 210 14.98 2.17 1.50
N ILE B 211 13.65 2.11 1.53
CA ILE B 211 12.92 2.87 2.53
C ILE B 211 11.81 2.05 3.17
N GLY B 212 11.20 2.61 4.20
CA GLY B 212 10.04 1.98 4.82
C GLY B 212 8.80 2.73 4.36
N ARG B 213 7.65 2.06 4.38
CA ARG B 213 6.42 2.67 3.87
C ARG B 213 6.02 3.92 4.66
N GLU B 214 6.51 4.06 5.89
CA GLU B 214 6.17 5.25 6.68
C GLU B 214 7.25 6.33 6.67
N ASP B 215 8.31 6.14 5.89
CA ASP B 215 9.40 7.12 5.82
C ASP B 215 8.92 8.43 5.20
N PRO B 216 9.53 9.56 5.58
CA PRO B 216 9.04 10.86 5.12
C PRO B 216 9.59 11.21 3.74
N VAL B 217 9.07 10.51 2.73
CA VAL B 217 9.60 10.56 1.38
C VAL B 217 8.46 10.88 0.42
N THR B 218 8.65 11.96 -0.36
CA THR B 218 7.64 12.48 -1.28
C THR B 218 8.04 12.26 -2.74
N MET B 219 7.16 11.62 -3.52
CA MET B 219 7.35 11.46 -4.97
C MET B 219 6.87 12.71 -5.72
N CYS B 220 7.73 13.31 -6.53
CA CYS B 220 7.36 14.47 -7.38
C CYS B 220 7.31 14.04 -8.84
N VAL B 221 6.17 14.30 -9.51
CA VAL B 221 6.05 14.07 -10.94
C VAL B 221 5.13 15.18 -11.47
N PHE B 222 5.69 16.27 -11.97
CA PHE B 222 4.86 17.38 -12.46
C PHE B 222 4.35 17.05 -13.85
N GLN B 223 3.03 17.09 -14.06
CA GLN B 223 2.54 16.70 -15.39
C GLN B 223 2.94 17.73 -16.46
N GLU B 224 3.37 18.93 -16.01
CA GLU B 224 3.79 20.06 -16.87
C GLU B 224 2.60 20.74 -17.54
N SER B 225 1.90 20.00 -18.39
CA SER B 225 0.58 20.43 -18.86
C SER B 225 -0.36 19.25 -18.83
N TYR B 226 -1.59 19.46 -18.37
CA TYR B 226 -2.54 18.37 -18.44
C TYR B 226 -3.30 18.36 -19.77
N ASP B 227 -2.94 19.29 -20.67
CA ASP B 227 -3.54 19.35 -22.00
C ASP B 227 -2.67 18.46 -22.91
N ARG B 228 -3.25 17.42 -23.50
CA ARG B 228 -2.42 16.46 -24.23
C ARG B 228 -1.75 17.09 -25.44
N GLU B 229 -2.37 18.10 -26.03
CA GLU B 229 -1.80 18.69 -27.24
C GLU B 229 -0.61 19.58 -26.90
N THR B 230 -0.76 20.41 -25.87
CA THR B 230 0.37 21.19 -25.38
C THR B 230 1.50 20.29 -24.86
N TYR B 231 1.14 19.22 -24.16
CA TYR B 231 2.12 18.25 -23.65
C TYR B 231 2.95 17.71 -24.82
N ARG B 232 2.26 17.27 -25.87
CA ARG B 232 2.92 16.70 -27.05
C ARG B 232 3.84 17.72 -27.72
N ARG B 233 3.41 18.98 -27.81
CA ARG B 233 4.24 20.03 -28.40
C ARG B 233 5.57 20.22 -27.67
N PHE B 234 5.56 20.14 -26.34
CA PHE B 234 6.82 20.32 -25.59
C PHE B 234 7.57 19.02 -25.28
N MET B 235 6.85 17.93 -25.00
CA MET B 235 7.51 16.70 -24.54
C MET B 235 7.79 15.72 -25.69
N GLY B 236 7.16 15.94 -26.84
CA GLY B 236 7.41 15.10 -28.01
C GLY B 236 6.29 14.10 -28.24
N LYS B 237 6.33 13.41 -29.37
CA LYS B 237 5.37 12.34 -29.63
C LYS B 237 5.93 11.01 -29.14
N THR B 238 5.05 10.04 -28.99
CA THR B 238 5.39 8.75 -28.40
C THR B 238 5.95 7.77 -29.43
N SER B 239 6.41 6.62 -28.92
CA SER B 239 6.87 5.47 -29.71
C SER B 239 8.13 5.74 -30.51
N VAL B 240 8.95 6.68 -30.05
CA VAL B 240 10.19 7.01 -30.76
C VAL B 240 11.39 7.16 -29.81
N GLY B 241 11.36 6.43 -28.69
CA GLY B 241 12.45 6.47 -27.72
C GLY B 241 12.58 7.74 -26.90
N VAL B 242 11.48 8.48 -26.74
CA VAL B 242 11.46 9.67 -25.89
C VAL B 242 10.56 9.39 -24.68
N PRO B 243 11.16 9.04 -23.53
CA PRO B 243 10.34 8.41 -22.48
C PRO B 243 9.24 9.28 -21.89
N LYS B 244 9.48 10.58 -21.72
CA LYS B 244 8.47 11.44 -21.09
C LYS B 244 7.32 11.74 -22.06
N ALA B 245 7.45 11.36 -23.32
CA ALA B 245 6.36 11.62 -24.27
C ALA B 245 5.09 10.81 -23.94
N ASP B 246 5.24 9.74 -23.17
CA ASP B 246 4.08 8.94 -22.76
C ASP B 246 3.36 9.64 -21.58
N PHE B 247 2.31 10.38 -21.92
CA PHE B 247 1.52 11.18 -20.96
C PHE B 247 0.89 10.30 -19.88
N ASP B 248 0.36 9.15 -20.31
CA ASP B 248 -0.39 8.30 -19.38
C ASP B 248 0.50 7.59 -18.38
N ARG B 249 1.65 7.07 -18.83
CA ARG B 249 2.59 6.48 -17.88
C ARG B 249 2.96 7.51 -16.81
N ARG B 250 3.17 8.76 -17.23
CA ARG B 250 3.54 9.80 -16.28
C ARG B 250 2.41 10.08 -15.28
N VAL B 251 1.20 10.23 -15.79
CA VAL B 251 0.15 10.78 -14.93
C VAL B 251 -0.39 9.78 -13.89
N VAL B 252 -0.12 8.47 -14.08
CA VAL B 252 -0.58 7.50 -13.07
C VAL B 252 0.57 7.04 -12.17
N SER B 253 1.74 7.67 -12.30
CA SER B 253 2.86 7.35 -11.42
C SER B 253 2.49 7.45 -9.94
N PHE B 254 1.81 8.53 -9.55
CA PHE B 254 1.35 8.65 -8.15
C PHE B 254 0.47 7.47 -7.72
N ASP B 255 -0.38 7.00 -8.63
CA ASP B 255 -1.29 5.90 -8.30
C ASP B 255 -0.53 4.59 -8.07
N ARG B 256 0.55 4.40 -8.82
CA ARG B 256 1.42 3.25 -8.60
C ARG B 256 2.16 3.36 -7.26
N TRP B 257 2.63 4.56 -6.95
CA TRP B 257 3.25 4.84 -5.65
C TRP B 257 2.31 4.53 -4.48
N LEU B 258 1.07 4.97 -4.59
CA LEU B 258 0.09 4.72 -3.52
C LEU B 258 -0.29 3.23 -3.46
N ASP B 259 -0.37 2.57 -4.62
CA ASP B 259 -0.66 1.13 -4.62
C ASP B 259 0.37 0.36 -3.79
N ALA B 260 1.61 0.80 -3.86
CA ALA B 260 2.72 0.14 -3.16
C ALA B 260 2.73 0.41 -1.65
N GLY B 261 1.85 1.31 -1.18
CA GLY B 261 1.70 1.59 0.24
C GLY B 261 2.34 2.87 0.76
N TYR B 262 2.80 3.75 -0.13
CA TYR B 262 3.43 5.02 0.25
C TYR B 262 2.33 6.07 0.40
N ARG B 263 2.70 7.31 0.66
CA ARG B 263 1.70 8.29 1.14
C ARG B 263 1.86 9.71 0.60
N TYR B 264 3.10 10.17 0.44
CA TYR B 264 3.38 11.57 0.10
C TYR B 264 3.63 11.75 -1.39
N VAL B 265 2.92 12.70 -1.99
CA VAL B 265 3.01 12.95 -3.43
C VAL B 265 3.05 14.45 -3.75
N ASN B 266 3.48 14.81 -4.96
CA ASN B 266 3.63 16.22 -5.32
C ASN B 266 3.39 16.44 -6.83
N PRO B 267 2.10 16.60 -7.23
CA PRO B 267 1.80 16.97 -8.61
C PRO B 267 2.15 18.42 -8.90
N GLY B 268 2.21 18.76 -10.19
CA GLY B 268 2.53 20.13 -10.56
C GLY B 268 2.24 20.48 -12.01
N VAL B 269 2.13 21.78 -12.27
CA VAL B 269 1.96 22.31 -13.62
C VAL B 269 3.09 23.30 -13.90
N LEU B 270 3.67 23.25 -15.10
CA LEU B 270 4.69 24.24 -15.44
C LEU B 270 4.02 25.45 -16.10
N VAL B 271 3.93 26.53 -15.35
CA VAL B 271 3.19 27.71 -15.75
C VAL B 271 3.96 28.48 -16.82
N GLY B 272 3.36 28.58 -18.01
CA GLY B 272 4.03 29.13 -19.17
C GLY B 272 3.97 28.22 -20.41
N LEU B 273 3.67 26.94 -20.23
CA LEU B 273 3.50 26.04 -21.38
C LEU B 273 2.14 26.21 -22.06
N HIS B 274 1.05 25.91 -21.35
CA HIS B 274 -0.32 26.03 -21.90
C HIS B 274 -0.86 27.45 -21.68
N ASP B 275 -1.45 28.07 -22.70
CA ASP B 275 -1.85 29.47 -22.58
CA ASP B 275 -1.84 29.47 -22.56
C ASP B 275 -3.18 29.66 -21.85
N ASP B 276 -3.93 28.57 -21.63
CA ASP B 276 -5.23 28.66 -20.94
C ASP B 276 -5.11 28.16 -19.50
N LEU B 277 -4.85 29.07 -18.57
CA LEU B 277 -4.59 28.64 -17.19
C LEU B 277 -5.83 28.05 -16.50
N SER B 278 -7.04 28.44 -16.94
CA SER B 278 -8.24 27.88 -16.34
C SER B 278 -8.27 26.35 -16.53
N ALA B 279 -7.82 25.87 -17.68
CA ALA B 279 -7.81 24.43 -17.92
C ALA B 279 -6.83 23.71 -17.00
N GLU B 280 -5.65 24.31 -16.78
CA GLU B 280 -4.61 23.66 -15.99
C GLU B 280 -4.99 23.65 -14.53
N LEU B 281 -5.62 24.72 -14.08
CA LEU B 281 -6.02 24.83 -12.70
C LEU B 281 -7.08 23.78 -12.36
N VAL B 282 -8.05 23.63 -13.26
CA VAL B 282 -9.07 22.58 -13.15
C VAL B 282 -8.44 21.18 -13.05
N SER B 283 -7.51 20.88 -13.95
CA SER B 283 -6.86 19.56 -13.95
C SER B 283 -6.03 19.31 -12.71
N LEU B 284 -5.26 20.31 -12.30
CA LEU B 284 -4.38 20.13 -11.16
C LEU B 284 -5.18 19.96 -9.89
N VAL B 285 -6.19 20.82 -9.71
CA VAL B 285 -7.02 20.71 -8.51
C VAL B 285 -7.74 19.34 -8.51
N ALA B 286 -8.22 18.90 -9.67
CA ALA B 286 -8.87 17.60 -9.76
C ALA B 286 -7.92 16.46 -9.42
N HIS B 287 -6.64 16.62 -9.79
CA HIS B 287 -5.65 15.58 -9.49
C HIS B 287 -5.36 15.57 -7.98
N GLY B 288 -5.18 16.76 -7.41
CA GLY B 288 -5.04 16.89 -5.97
C GLY B 288 -6.20 16.25 -5.22
N ASP B 289 -7.41 16.47 -5.72
CA ASP B 289 -8.62 15.98 -5.07
C ASP B 289 -8.69 14.42 -5.15
N HIS B 290 -8.34 13.86 -6.31
CA HIS B 290 -8.22 12.41 -6.43
C HIS B 290 -7.20 11.82 -5.45
N LEU B 291 -6.04 12.46 -5.32
CA LEU B 291 -5.01 11.92 -4.46
C LEU B 291 -5.46 11.99 -3.00
N ARG B 292 -6.18 13.06 -2.66
CA ARG B 292 -6.77 13.21 -1.33
C ARG B 292 -7.75 12.05 -1.04
N SER B 293 -8.53 11.64 -2.05
CA SER B 293 -9.54 10.60 -1.85
C SER B 293 -8.89 9.24 -1.63
N ARG B 294 -7.62 9.13 -2.00
CA ARG B 294 -6.89 7.90 -1.77
C ARG B 294 -6.12 7.92 -0.45
N GLY B 295 -6.32 8.97 0.34
CA GLY B 295 -5.62 9.07 1.62
C GLY B 295 -4.20 9.60 1.54
N ALA B 296 -3.82 10.11 0.37
CA ALA B 296 -2.46 10.66 0.18
C ALA B 296 -2.32 12.03 0.81
N THR B 297 -1.09 12.39 1.19
CA THR B 297 -0.75 13.75 1.55
C THR B 297 -0.04 14.37 0.35
N ALA B 298 -0.61 15.43 -0.22
CA ALA B 298 -0.07 16.03 -1.45
C ALA B 298 0.37 17.47 -1.27
N ASP B 299 1.56 17.79 -1.80
CA ASP B 299 1.96 19.18 -2.04
C ASP B 299 1.60 19.51 -3.50
N LEU B 300 1.45 20.80 -3.80
CA LEU B 300 1.08 21.20 -5.16
C LEU B 300 2.10 22.21 -5.67
N SER B 301 2.64 22.00 -6.86
CA SER B 301 3.65 22.91 -7.38
C SER B 301 3.17 23.59 -8.67
N VAL B 302 3.30 24.91 -8.74
CA VAL B 302 3.02 25.62 -10.00
C VAL B 302 4.22 26.49 -10.40
N PRO B 303 5.38 25.86 -10.63
CA PRO B 303 6.58 26.63 -11.01
C PRO B 303 6.38 27.41 -12.31
N ARG B 304 6.94 28.62 -12.37
CA ARG B 304 6.99 29.41 -13.59
C ARG B 304 8.27 29.19 -14.38
N MET B 305 8.15 29.34 -15.69
CA MET B 305 9.26 29.17 -16.62
CA MET B 305 9.27 29.13 -16.59
C MET B 305 10.42 30.08 -16.27
N ARG B 306 11.64 29.57 -16.40
CA ARG B 306 12.86 30.36 -16.27
C ARG B 306 13.72 30.24 -17.55
N PRO B 307 14.69 31.16 -17.73
CA PRO B 307 15.56 31.08 -18.91
C PRO B 307 16.32 29.76 -19.00
N ALA B 308 16.40 29.21 -20.20
CA ALA B 308 17.03 27.91 -20.42
C ALA B 308 17.42 27.81 -21.90
N MET B 309 18.13 26.74 -22.25
CA MET B 309 18.52 26.54 -23.64
C MET B 309 17.37 25.81 -24.36
N LYS B 310 16.35 26.57 -24.77
CA LYS B 310 15.09 26.00 -25.24
C LYS B 310 15.09 25.77 -26.73
N SER B 311 14.23 24.86 -27.20
CA SER B 311 14.05 24.69 -28.65
C SER B 311 12.66 25.14 -29.10
N ARG B 312 11.88 25.68 -28.17
CA ARG B 312 10.57 26.26 -28.46
C ARG B 312 10.34 27.33 -27.39
N ASP B 313 9.79 28.50 -27.70
CA ASP B 313 9.59 29.49 -26.66
CA ASP B 313 9.64 29.42 -26.58
C ASP B 313 8.29 29.23 -25.89
N THR B 314 8.12 29.94 -24.79
CA THR B 314 6.99 29.72 -23.92
C THR B 314 6.31 31.05 -23.66
N THR B 315 5.28 31.02 -22.84
CA THR B 315 4.54 32.24 -22.53
CA THR B 315 4.49 32.20 -22.51
C THR B 315 4.89 32.74 -21.14
N ARG B 316 5.02 34.05 -21.01
CA ARG B 316 5.30 34.59 -19.68
C ARG B 316 3.98 34.94 -19.01
N VAL B 317 3.76 34.39 -17.83
CA VAL B 317 2.58 34.70 -17.05
C VAL B 317 2.95 35.80 -16.06
N GLY B 318 2.17 36.88 -16.03
CA GLY B 318 2.45 38.01 -15.16
C GLY B 318 2.21 37.73 -13.69
N ASP B 319 2.81 38.53 -12.82
CA ASP B 319 2.69 38.33 -11.38
C ASP B 319 1.24 38.36 -10.89
N ASP B 320 0.39 39.20 -11.48
CA ASP B 320 -1.00 39.27 -11.01
C ASP B 320 -1.77 38.00 -11.30
N ASP B 321 -1.73 37.54 -12.54
CA ASP B 321 -2.36 36.27 -12.91
C ASP B 321 -1.79 35.11 -12.08
N TYR B 322 -0.49 35.15 -11.83
CA TYR B 322 0.18 34.07 -11.11
C TYR B 322 -0.26 34.04 -9.65
N LEU B 323 -0.37 35.20 -9.02
CA LEU B 323 -0.87 35.25 -7.65
C LEU B 323 -2.33 34.77 -7.59
N ARG B 324 -3.11 35.12 -8.61
CA ARG B 324 -4.51 34.67 -8.66
C ARG B 324 -4.56 33.14 -8.75
N LEU B 325 -3.68 32.55 -9.57
CA LEU B 325 -3.62 31.11 -9.73
C LEU B 325 -3.24 30.45 -8.39
N MET B 326 -2.18 30.95 -7.75
CA MET B 326 -1.76 30.42 -6.44
C MET B 326 -2.91 30.53 -5.44
N SER B 327 -3.62 31.66 -5.48
CA SER B 327 -4.65 31.93 -4.47
C SER B 327 -5.83 30.97 -4.63
N VAL B 328 -6.26 30.74 -5.87
CA VAL B 328 -7.40 29.87 -6.08
C VAL B 328 -7.05 28.40 -5.72
N VAL B 329 -5.87 27.94 -6.12
CA VAL B 329 -5.42 26.60 -5.73
C VAL B 329 -5.27 26.47 -4.19
N ALA B 330 -4.61 27.42 -3.56
CA ALA B 330 -4.35 27.32 -2.12
C ALA B 330 -5.65 27.31 -1.33
N PHE B 331 -6.62 28.11 -1.77
CA PHE B 331 -7.91 28.25 -1.10
C PHE B 331 -8.76 26.98 -1.23
N THR B 332 -8.83 26.42 -2.44
CA THR B 332 -9.71 25.28 -2.65
C THR B 332 -9.07 23.96 -2.17
N CYS B 333 -7.75 23.96 -2.05
CA CYS B 333 -7.01 22.77 -1.57
C CYS B 333 -6.24 23.09 -0.29
N PRO B 334 -6.96 23.42 0.79
CA PRO B 334 -6.27 24.06 1.92
C PRO B 334 -5.38 23.12 2.74
N GLU B 335 -5.44 21.81 2.55
CA GLU B 335 -4.54 20.90 3.27
C GLU B 335 -3.39 20.47 2.39
N GLN B 336 -3.33 21.03 1.18
CA GLN B 336 -2.30 20.69 0.21
C GLN B 336 -1.36 21.89 -0.02
N ARG B 337 -0.15 21.80 0.50
CA ARG B 337 0.79 22.92 0.55
C ARG B 337 1.31 23.27 -0.83
N LEU B 338 1.23 24.56 -1.20
CA LEU B 338 1.92 25.01 -2.40
C LEU B 338 3.42 25.12 -2.12
N VAL B 339 4.22 24.77 -3.11
CA VAL B 339 5.67 24.85 -3.03
C VAL B 339 6.14 26.10 -3.78
N LEU B 340 6.93 26.93 -3.11
CA LEU B 340 7.49 28.14 -3.70
C LEU B 340 9.01 27.99 -3.76
N THR B 341 9.61 28.26 -4.92
CA THR B 341 11.05 28.04 -5.10
C THR B 341 11.80 29.31 -5.56
N THR B 342 13.14 29.21 -5.58
CA THR B 342 13.97 30.31 -6.02
C THR B 342 14.03 30.48 -7.54
N ARG B 343 13.11 29.81 -8.25
CA ARG B 343 12.69 30.29 -9.57
C ARG B 343 12.17 31.73 -9.46
N GLU B 344 11.67 32.09 -8.28
CA GLU B 344 11.10 33.41 -8.08
C GLU B 344 12.10 34.32 -7.37
N PRO B 345 12.13 35.62 -7.74
CA PRO B 345 13.03 36.56 -7.06
C PRO B 345 12.58 36.85 -5.62
N GLN B 346 13.48 37.42 -4.82
CA GLN B 346 13.18 37.76 -3.42
C GLN B 346 11.89 38.56 -3.30
N GLU B 347 11.75 39.59 -4.15
CA GLU B 347 10.60 40.49 -4.07
CA GLU B 347 10.60 40.49 -4.07
C GLU B 347 9.27 39.78 -4.32
N PHE B 348 9.28 38.71 -5.13
CA PHE B 348 8.05 37.97 -5.34
C PHE B 348 7.81 36.99 -4.20
N GLN B 349 8.86 36.34 -3.71
CA GLN B 349 8.73 35.48 -2.53
C GLN B 349 8.07 36.24 -1.39
N ASP B 350 8.52 37.48 -1.18
CA ASP B 350 8.02 38.24 -0.04
C ASP B 350 6.52 38.47 -0.15
N VAL B 351 6.01 38.69 -1.36
CA VAL B 351 4.58 39.01 -1.51
CA VAL B 351 4.59 39.01 -1.53
C VAL B 351 3.71 37.76 -1.59
N ALA B 352 4.31 36.62 -1.93
CA ALA B 352 3.55 35.37 -2.13
C ALA B 352 3.69 34.33 -1.03
N LEU B 353 4.63 34.54 -0.11
CA LEU B 353 4.96 33.52 0.88
C LEU B 353 3.78 33.04 1.70
N GLY B 354 2.80 33.91 1.96
CA GLY B 354 1.66 33.55 2.77
C GLY B 354 0.72 32.58 2.10
N LEU B 355 0.93 32.36 0.80
CA LEU B 355 0.15 31.39 0.03
C LEU B 355 0.80 30.01 0.02
N ALA B 356 2.06 29.94 0.43
CA ALA B 356 2.81 28.68 0.29
C ALA B 356 2.83 27.88 1.60
N GLY B 357 3.05 26.57 1.51
CA GLY B 357 3.30 25.76 2.67
C GLY B 357 4.71 25.18 2.69
N VAL B 358 5.41 25.28 1.56
CA VAL B 358 6.78 24.79 1.47
C VAL B 358 7.63 25.86 0.79
N ILE B 359 8.77 26.20 1.39
CA ILE B 359 9.70 27.15 0.79
C ILE B 359 10.94 26.36 0.44
N SER B 360 11.34 26.39 -0.84
CA SER B 360 12.40 25.51 -1.33
C SER B 360 13.46 26.27 -2.16
N PRO B 361 14.51 26.79 -1.51
CA PRO B 361 15.59 27.53 -2.15
C PRO B 361 16.70 26.57 -2.63
N GLY B 362 17.41 26.93 -3.69
CA GLY B 362 18.48 26.07 -4.17
C GLY B 362 18.80 26.39 -5.61
N SER B 363 19.58 25.53 -6.24
CA SER B 363 20.03 25.74 -7.62
C SER B 363 19.90 24.43 -8.38
N PRO B 364 19.47 24.50 -9.66
CA PRO B 364 19.31 23.30 -10.50
C PRO B 364 20.57 22.98 -11.30
N ASP B 365 21.70 22.95 -10.62
CA ASP B 365 22.98 22.68 -11.26
C ASP B 365 23.49 21.45 -10.50
N VAL B 366 24.37 20.67 -11.11
CA VAL B 366 24.82 19.44 -10.45
C VAL B 366 25.83 19.73 -9.36
N ALA B 367 25.59 19.20 -8.15
CA ALA B 367 26.47 19.38 -6.99
C ALA B 367 26.98 20.81 -6.84
N PRO B 368 26.06 21.77 -6.69
CA PRO B 368 26.43 23.18 -6.80
C PRO B 368 26.75 23.84 -5.48
N TYR B 369 26.53 23.14 -4.36
CA TYR B 369 26.66 23.76 -3.04
C TYR B 369 28.10 23.76 -2.55
N ARG B 370 28.48 24.85 -1.91
CA ARG B 370 29.81 24.95 -1.35
C ARG B 370 29.77 25.61 0.01
N ALA B 371 30.61 25.15 0.93
CA ALA B 371 30.71 25.79 2.22
C ALA B 371 31.09 27.27 2.04
N GLY B 372 30.46 28.15 2.79
CA GLY B 372 30.92 29.52 2.83
C GLY B 372 30.57 30.46 1.68
N CYS B 373 29.79 30.02 0.69
CA CYS B 373 29.28 30.94 -0.33
C CYS B 373 28.00 30.48 -1.02
N GLU B 374 27.52 31.30 -1.96
CA GLU B 374 26.33 30.97 -2.73
C GLU B 374 26.60 29.80 -3.69
N ALA B 375 25.54 29.06 -4.01
CA ALA B 375 25.62 27.90 -4.88
C ALA B 375 25.94 28.29 -6.31
N ARG B 376 26.62 27.39 -7.03
CA ARG B 376 26.76 27.57 -8.48
C ARG B 376 25.44 27.45 -9.22
N ASN B 377 25.32 28.19 -10.32
CA ASN B 377 24.20 28.07 -11.26
C ASN B 377 24.78 28.35 -12.65
N ASP B 378 25.71 27.49 -13.04
CA ASP B 378 26.48 27.67 -14.27
CA ASP B 378 26.47 27.69 -14.28
C ASP B 378 25.61 27.44 -15.51
N GLU B 379 25.69 28.36 -16.46
CA GLU B 379 24.93 28.22 -17.69
C GLU B 379 25.30 26.95 -18.46
N LYS B 380 26.57 26.55 -18.39
CA LYS B 380 27.00 25.42 -19.20
C LYS B 380 26.50 24.07 -18.66
N SER B 381 25.99 24.02 -17.42
CA SER B 381 25.57 22.74 -16.86
C SER B 381 24.20 22.75 -16.19
N SER B 382 23.56 23.92 -16.06
CA SER B 382 22.31 23.98 -15.29
C SER B 382 21.06 23.66 -16.11
N GLN B 383 20.02 23.19 -15.44
CA GLN B 383 18.74 23.00 -16.13
C GLN B 383 18.12 24.34 -16.57
N PHE B 384 18.24 25.37 -15.74
CA PHE B 384 17.69 26.70 -16.05
C PHE B 384 18.34 27.66 -15.09
N LEU B 385 18.12 28.96 -15.31
CA LEU B 385 18.71 29.97 -14.44
C LEU B 385 17.71 30.42 -13.36
N VAL B 386 18.14 30.37 -12.10
CA VAL B 386 17.26 30.82 -11.00
C VAL B 386 17.25 32.35 -10.90
N ALA B 387 16.25 32.89 -10.21
CA ALA B 387 16.13 34.33 -10.00
C ALA B 387 16.72 34.79 -8.67
N ASP B 388 17.02 33.84 -7.80
CA ASP B 388 17.49 34.17 -6.44
C ASP B 388 18.61 33.22 -6.06
N LEU B 389 19.84 33.74 -6.00
CA LEU B 389 21.02 32.91 -5.75
C LEU B 389 21.43 32.90 -4.27
N ARG B 390 20.66 33.58 -3.41
CA ARG B 390 21.04 33.67 -1.98
C ARG B 390 21.15 32.29 -1.34
N ARG B 391 22.08 32.14 -0.39
CA ARG B 391 22.20 30.88 0.35
C ARG B 391 20.90 30.59 1.09
N PRO B 392 20.47 29.33 1.10
CA PRO B 392 19.29 28.92 1.88
C PRO B 392 19.32 29.44 3.33
N ARG B 393 20.47 29.40 4.00
CA ARG B 393 20.52 29.83 5.40
C ARG B 393 20.14 31.31 5.56
N HIS B 394 20.47 32.13 4.55
CA HIS B 394 20.13 33.55 4.58
C HIS B 394 18.68 33.79 4.18
N ILE B 395 18.21 33.06 3.17
CA ILE B 395 16.80 33.15 2.77
C ILE B 395 15.88 32.76 3.92
N LEU B 396 16.16 31.60 4.50
CA LEU B 396 15.33 31.04 5.57
C LEU B 396 15.51 31.79 6.89
N GLY B 397 16.76 32.20 7.17
CA GLY B 397 17.02 33.06 8.32
C GLY B 397 16.23 34.36 8.29
N ARG B 398 16.18 34.99 7.12
CA ARG B 398 15.41 36.22 6.97
C ARG B 398 13.90 35.98 7.15
N ILE B 399 13.39 34.85 6.63
CA ILE B 399 11.98 34.52 6.79
C ILE B 399 11.64 34.37 8.29
N GLU B 400 12.48 33.62 9.00
CA GLU B 400 12.28 33.45 10.45
C GLU B 400 12.36 34.77 11.22
N ALA B 401 13.32 35.62 10.86
CA ALA B 401 13.46 36.90 11.55
C ALA B 401 12.24 37.78 11.35
N SER B 402 11.55 37.61 10.22
CA SER B 402 10.40 38.42 9.89
C SER B 402 9.11 37.88 10.54
N GLY B 403 9.18 36.69 11.14
CA GLY B 403 8.08 36.20 11.95
C GLY B 403 7.46 34.87 11.57
N THR B 404 8.02 34.16 10.58
CA THR B 404 7.49 32.86 10.21
C THR B 404 8.57 31.80 10.43
N PRO B 405 8.37 30.92 11.42
CA PRO B 405 9.31 29.80 11.65
C PRO B 405 9.34 28.87 10.44
N VAL B 406 10.49 28.27 10.15
CA VAL B 406 10.58 27.31 9.05
C VAL B 406 10.99 25.95 9.60
N ASP B 407 10.07 24.98 9.55
CA ASP B 407 10.37 23.61 9.97
C ASP B 407 11.41 22.99 9.05
N HIS B 408 12.26 22.15 9.64
CA HIS B 408 13.39 21.51 8.95
C HIS B 408 14.49 22.50 8.55
N PHE B 409 14.59 23.58 9.30
CA PHE B 409 15.69 24.54 9.19
C PHE B 409 16.23 24.81 10.58
N VAL B 410 17.50 24.52 10.78
CA VAL B 410 18.17 24.83 12.04
C VAL B 410 19.30 25.80 11.71
N ASN B 411 19.08 27.08 11.99
CA ASN B 411 20.02 28.11 11.57
C ASN B 411 21.42 27.82 12.10
N PRO B 412 22.43 27.70 11.19
CA PRO B 412 23.78 27.38 11.70
C PRO B 412 24.40 28.51 12.52
N ALA B 413 23.96 29.74 12.34
CA ALA B 413 24.53 30.88 13.08
C ALA B 413 24.32 30.72 14.59
N SAH C . -14.55 -16.81 16.12
CA SAH C . -14.09 -17.69 15.11
CB SAH C . -13.21 -16.93 14.12
CG SAH C . -11.87 -16.64 14.78
SD SAH C . -10.86 -15.82 13.72
C SAH C . -13.29 -18.79 15.80
O SAH C . -12.71 -18.56 16.90
OXT SAH C . -13.20 -19.93 15.26
C5' SAH C . -9.87 -16.94 12.92
C4' SAH C . -8.57 -17.34 13.66
O4' SAH C . -7.86 -16.33 14.08
C3' SAH C . -8.77 -18.09 14.98
O3' SAH C . -9.23 -19.36 14.80
C2' SAH C . -7.32 -18.07 15.51
O2' SAH C . -6.64 -19.32 15.05
C1' SAH C . -6.75 -17.01 14.98
N9 SAH C . -6.31 -16.11 15.99
C8 SAH C . -6.95 -15.84 17.16
N7 SAH C . -6.22 -14.94 17.84
C5 SAH C . -5.11 -14.63 17.11
C6 SAH C . -4.04 -13.77 17.33
N6 SAH C . -3.57 -12.87 18.32
N1 SAH C . -3.06 -13.65 16.42
C2 SAH C . -3.12 -14.38 15.27
N3 SAH C . -4.19 -15.22 15.04
C4 SAH C . -5.18 -15.35 15.96
FE1 SF4 D . -14.15 -15.28 19.84
FE2 SF4 D . -11.58 -14.73 19.23
FE3 SF4 D . -12.16 -17.02 20.37
FE4 SF4 D . -12.93 -16.73 17.77
S1 SF4 D . -10.76 -16.78 18.55
S2 SF4 D . -14.21 -17.57 19.51
S3 SF4 D . -13.38 -14.48 17.84
S4 SF4 D . -12.45 -14.94 21.32
N TRP E . -7.83 -15.42 10.18
CA TRP E . -8.52 -16.09 9.10
C TRP E . -7.65 -17.17 8.46
O TRP E . -6.43 -17.25 8.74
CB TRP E . -8.97 -15.06 8.05
CG TRP E . -7.83 -14.41 7.29
CD1 TRP E . -7.36 -14.76 6.06
CD2 TRP E . -7.02 -13.30 7.72
NE1 TRP E . -6.33 -13.94 5.69
CE2 TRP E . -6.09 -13.03 6.69
CE3 TRP E . -7.00 -12.50 8.87
CZ2 TRP E . -5.17 -12.00 6.77
CZ3 TRP E . -6.08 -11.48 8.95
CH2 TRP E . -5.17 -11.25 7.91
OXT TRP E . -8.16 -18.00 7.67
C1 GOL F . -9.95 -25.81 -3.56
O1 GOL F . -8.94 -26.52 -4.22
C2 GOL F . -9.68 -25.74 -2.06
O2 GOL F . -8.39 -25.19 -1.85
C3 GOL F . -10.73 -24.84 -1.43
O3 GOL F . -10.62 -24.84 -0.04
K K G . -4.75 -14.63 -12.19
N SAH H . 13.46 14.78 -15.26
CA SAH H . 12.54 14.93 -14.17
CB SAH H . 12.96 16.12 -13.32
CG SAH H . 12.98 17.44 -14.13
SD SAH H . 13.28 18.77 -13.11
C SAH H . 11.17 15.16 -14.81
O SAH H . 11.10 15.71 -15.95
OXT SAH H . 10.12 14.80 -14.24
C5' SAH H . 11.87 19.24 -12.30
C4' SAH H . 11.00 20.28 -13.07
O4' SAH H . 11.65 21.34 -13.50
C3' SAH H . 10.33 19.73 -14.35
O3' SAH H . 9.36 18.83 -14.02
C2' SAH H . 9.79 21.09 -14.90
O2' SAH H . 8.43 21.36 -14.35
C1' SAH H . 10.60 22.04 -14.46
N9 SAH H . 11.26 22.73 -15.51
C8 SAH H . 11.72 22.16 -16.66
N7 SAH H . 12.24 23.13 -17.44
C5 SAH H . 12.09 24.30 -16.76
C6 SAH H . 12.46 25.59 -17.11
N6 SAH H . 13.08 26.20 -18.23
N1 SAH H . 12.19 26.62 -16.27
C2 SAH H . 11.59 26.37 -15.06
N3 SAH H . 11.25 25.08 -14.69
C4 SAH H . 11.50 24.06 -15.57
FE1 SF4 I . 14.76 15.58 -19.14
FE2 SF4 I . 14.30 18.17 -18.60
FE3 SF4 I . 12.36 16.71 -19.65
FE4 SF4 I . 12.99 16.22 -17.00
S1 SF4 I . 12.14 18.17 -17.86
S2 SF4 I . 12.64 14.67 -18.69
S3 SF4 I . 15.29 16.66 -17.20
S4 SF4 I . 14.36 17.17 -20.69
N TRP J . 12.52 21.84 -9.68
CA TRP J . 12.21 21.00 -8.52
C TRP J . 10.93 21.45 -7.85
O TRP J . 10.39 22.52 -8.19
CB TRP J . 13.35 21.03 -7.52
CG TRP J . 13.56 22.37 -6.86
CD1 TRP J . 13.10 22.76 -5.63
CD2 TRP J . 14.29 23.50 -7.38
NE1 TRP J . 13.49 24.04 -5.34
CE2 TRP J . 14.21 24.53 -6.40
CE3 TRP J . 14.99 23.74 -8.56
CZ2 TRP J . 14.84 25.77 -6.57
CZ3 TRP J . 15.60 25.00 -8.74
CH2 TRP J . 15.52 25.99 -7.73
OXT TRP J . 10.42 20.74 -6.96
C1 GOL K . 4.45 16.88 4.70
O1 GOL K . 3.36 17.56 5.29
C2 GOL K . 4.35 17.06 3.20
O2 GOL K . 4.34 18.45 2.88
C3 GOL K . 5.51 16.31 2.53
O3 GOL K . 5.37 16.33 1.12
C1 GOL L . 28.49 26.58 9.25
O1 GOL L . 28.71 27.98 9.31
C2 GOL L . 29.47 25.83 10.15
O2 GOL L . 29.20 26.14 11.49
C3 GOL L . 29.29 24.33 9.92
O3 GOL L . 30.27 23.61 10.65
C1 GOL M . 2.26 26.06 -27.07
O1 GOL M . 2.73 27.38 -26.90
C2 GOL M . 1.06 25.83 -26.15
O2 GOL M . 0.36 24.70 -26.60
C3 GOL M . 0.16 27.06 -26.20
O3 GOL M . -1.00 26.84 -25.43
NA NA N . 27.39 15.21 9.35
K K O . 13.22 26.38 12.50
CL CL P . 24.75 14.05 10.31
CL CL Q . -22.18 27.17 -3.06
#